data_5ITT
#
_entry.id   5ITT
#
_cell.length_a   73.864
_cell.length_b   108.751
_cell.length_c   171.320
_cell.angle_alpha   90.00
_cell.angle_beta   90.00
_cell.angle_gamma   90.00
#
_symmetry.space_group_name_H-M   'P 21 21 21'
#
loop_
_entity.id
_entity.type
_entity.pdbx_description
1 polymer 'Endonuclease 8-like 1'
2 polymer 'DNA (26-MER)'
3 polymer 'DNA (26-MER)'
4 non-polymer GLYCEROL
5 water water
#
loop_
_entity_poly.entity_id
_entity_poly.type
_entity_poly.pdbx_seq_one_letter_code
_entity_poly.pdbx_strand_id
1 'polypeptide(L)'
;MPEGPELHLASQFVNEACRALVFGGCVEKSSVSRNPEVPFESSAYRISASARGKELRLILSPLPGAQPQQEPLALVFRFG
MSGSFQLVPREELPRHAHLRFYTAPPGPRLALCFVDIRRFGRWDLGGKWQPGRGPCVLQEYQQFRENVLRNLADKAFDRP
ICEALLDQRFFNGIGNYLRAEILYRLKIPPFEKARSVLEALQQHRPSPELTLSQKIRTKLQNPDLLELCHSVPKEVVQLG
GRGYGSESGEEDFAAFRAWLRCYGMPGMSSLQDRHGRTIWFQGDPGPLAPKGRKSRKKKSKATQLSPEDRVEDALPPSKA
PSRTRRAKRDLPKRTATQRPEGTSLQQDPEAPTVPKKGRRKGRQAASGHCRPRKVKADIPSLEPEGTSASAALGHHHHHH
;
A,B,C
2 'polydeoxyribonucleotide'
;(DC)(DG)(DT)(DC)(DC)(DA)(DC)(DG)(DT)(DC)(DT)(DA)(DC)(DT)(DA)(DG)(DA)(DC)(DC)(DT)
(DG)(DG)(DA)(DC)(DG)(DG)
;
D,F
3 'polydeoxyribonucleotide'
;(DC)(DG)(DT)(DC)(DC)(DA)(DC)(DG)(DT)(DC)(DT)(DA)(DC)(DT)(DA)(DG)(DA)(DC)(DC)(DT)
(DG)(DG)(DA)(DC)(DA)(DA)
;
E
#
# COMPACT_ATOMS: atom_id res chain seq x y z
N PRO A 2 -9.54 -19.18 -17.47
CA PRO A 2 -9.35 -18.19 -16.43
C PRO A 2 -7.91 -17.77 -16.17
N GLU A 3 -7.13 -17.57 -17.20
CA GLU A 3 -5.85 -16.85 -17.05
C GLU A 3 -6.11 -15.44 -17.45
N GLY A 4 -5.04 -14.65 -17.38
CA GLY A 4 -5.16 -13.21 -17.67
C GLY A 4 -5.85 -12.88 -18.98
N PRO A 5 -5.52 -13.55 -20.05
CA PRO A 5 -6.28 -13.27 -21.22
C PRO A 5 -7.79 -13.42 -21.06
N GLU A 6 -8.30 -14.39 -20.29
CA GLU A 6 -9.71 -14.69 -20.30
C GLU A 6 -10.40 -13.67 -19.38
N LEU A 7 -9.79 -13.38 -18.26
CA LEU A 7 -10.21 -12.20 -17.45
C LEU A 7 -10.31 -10.99 -18.33
N HIS A 8 -9.30 -10.72 -19.10
CA HIS A 8 -9.38 -9.52 -19.90
C HIS A 8 -10.52 -9.56 -20.86
N LEU A 9 -10.60 -10.66 -21.61
CA LEU A 9 -11.72 -10.89 -22.53
C LEU A 9 -13.08 -10.80 -21.89
N ALA A 10 -13.18 -11.25 -20.69
CA ALA A 10 -14.41 -11.22 -20.01
C ALA A 10 -14.80 -9.75 -19.70
N SER A 11 -13.90 -8.95 -19.19
CA SER A 11 -14.27 -7.58 -18.89
C SER A 11 -14.61 -6.93 -20.16
N GLN A 12 -14.00 -7.32 -21.21
CA GLN A 12 -14.34 -6.58 -22.37
C GLN A 12 -15.60 -7.08 -23.00
N PHE A 13 -15.96 -8.31 -22.75
CA PHE A 13 -17.26 -8.76 -23.16
C PHE A 13 -18.35 -8.01 -22.39
N VAL A 14 -18.16 -7.80 -21.09
CA VAL A 14 -19.20 -7.19 -20.22
C VAL A 14 -19.43 -5.75 -20.66
N ASN A 15 -18.33 -5.05 -20.93
CA ASN A 15 -18.43 -3.70 -21.38
C ASN A 15 -19.20 -3.59 -22.70
N GLU A 16 -18.91 -4.50 -23.60
CA GLU A 16 -19.54 -4.47 -24.89
C GLU A 16 -20.97 -4.94 -24.86
N ALA A 17 -21.26 -6.04 -24.20
CA ALA A 17 -22.59 -6.57 -24.20
C ALA A 17 -23.49 -5.71 -23.38
N CYS A 18 -23.00 -5.01 -22.38
CA CYS A 18 -23.88 -4.23 -21.54
C CYS A 18 -23.88 -2.78 -21.88
N ARG A 19 -23.21 -2.38 -22.95
CA ARG A 19 -23.10 -1.00 -23.29
C ARG A 19 -24.41 -0.32 -23.31
N ALA A 20 -25.39 -0.98 -23.87
CA ALA A 20 -26.70 -0.41 -24.04
C ALA A 20 -27.69 -1.07 -23.15
N LEU A 21 -27.30 -1.84 -22.16
CA LEU A 21 -28.29 -2.38 -21.27
C LEU A 21 -28.45 -1.52 -20.07
N VAL A 22 -29.64 -1.51 -19.56
CA VAL A 22 -29.94 -0.97 -18.28
C VAL A 22 -30.48 -2.10 -17.40
N PHE A 23 -29.80 -2.31 -16.28
CA PHE A 23 -30.16 -3.25 -15.29
C PHE A 23 -31.02 -2.56 -14.22
N GLY A 24 -31.68 -3.41 -13.44
CA GLY A 24 -32.66 -3.02 -12.45
C GLY A 24 -32.90 -4.12 -11.47
N GLY A 25 -33.20 -3.75 -10.24
CA GLY A 25 -33.60 -4.70 -9.19
C GLY A 25 -32.47 -5.06 -8.28
N CYS A 26 -32.52 -6.22 -7.67
CA CYS A 26 -31.42 -6.77 -6.89
C CYS A 26 -30.38 -7.53 -7.76
N VAL A 27 -29.30 -7.95 -7.10
CA VAL A 27 -28.30 -8.81 -7.71
C VAL A 27 -28.48 -10.12 -7.00
N GLU A 28 -28.65 -11.20 -7.76
CA GLU A 28 -29.07 -12.43 -7.17
C GLU A 28 -28.00 -13.48 -7.14
N LYS A 29 -27.86 -14.14 -6.02
CA LYS A 29 -26.94 -15.19 -5.88
C LYS A 29 -27.67 -16.56 -5.85
N SER A 30 -27.12 -17.53 -6.56
CA SER A 30 -27.51 -18.90 -6.41
C SER A 30 -27.40 -19.28 -4.96
N SER A 31 -28.19 -20.24 -4.54
CA SER A 31 -28.23 -20.63 -3.15
C SER A 31 -27.05 -21.49 -2.78
N VAL A 32 -26.54 -22.23 -3.75
CA VAL A 32 -25.44 -23.11 -3.45
C VAL A 32 -24.14 -22.40 -3.17
N SER A 33 -24.02 -21.15 -3.61
CA SER A 33 -22.78 -20.40 -3.48
C SER A 33 -22.46 -19.85 -2.10
N ARG A 34 -21.23 -20.05 -1.66
CA ARG A 34 -20.75 -19.57 -0.37
C ARG A 34 -20.11 -18.19 -0.47
N ASN A 35 -20.04 -17.68 -1.67
CA ASN A 35 -19.71 -16.29 -1.83
C ASN A 35 -20.78 -15.37 -1.27
N PRO A 36 -20.40 -14.14 -0.94
CA PRO A 36 -21.32 -13.31 -0.20
C PRO A 36 -22.44 -12.82 -1.03
N GLU A 37 -23.56 -12.52 -0.40
CA GLU A 37 -24.65 -11.81 -1.05
C GLU A 37 -24.19 -10.42 -1.39
N VAL A 38 -24.62 -9.95 -2.55
CA VAL A 38 -24.36 -8.62 -2.98
C VAL A 38 -25.43 -7.64 -2.58
N PRO A 39 -25.24 -6.83 -1.53
CA PRO A 39 -26.43 -6.03 -1.16
C PRO A 39 -26.40 -4.80 -2.04
N PHE A 40 -27.26 -4.82 -3.06
CA PHE A 40 -27.25 -3.77 -4.07
C PHE A 40 -28.55 -3.81 -4.75
N GLU A 41 -29.30 -2.73 -4.66
CA GLU A 41 -30.54 -2.62 -5.36
C GLU A 41 -30.62 -1.24 -5.99
N SER A 42 -31.02 -1.22 -7.26
CA SER A 42 -31.30 0.04 -7.96
C SER A 42 -32.22 -0.19 -9.15
N SER A 43 -33.19 0.71 -9.33
CA SER A 43 -34.17 0.64 -10.41
C SER A 43 -33.56 0.75 -11.78
N ALA A 44 -32.45 1.44 -11.91
CA ALA A 44 -31.79 1.58 -13.17
C ALA A 44 -30.30 1.75 -12.94
N TYR A 45 -29.49 0.77 -13.36
CA TYR A 45 -28.06 0.84 -13.30
C TYR A 45 -27.38 0.21 -14.52
N ARG A 46 -26.14 0.64 -14.74
CA ARG A 46 -25.32 0.19 -15.81
C ARG A 46 -24.18 -0.56 -15.20
N ILE A 47 -23.69 -1.58 -15.91
CA ILE A 47 -22.54 -2.40 -15.49
C ILE A 47 -21.37 -2.25 -16.43
N SER A 48 -20.18 -2.12 -15.83
CA SER A 48 -18.92 -1.98 -16.57
C SER A 48 -17.83 -2.83 -15.89
N ALA A 49 -16.70 -2.98 -16.58
CA ALA A 49 -15.70 -3.85 -16.05
C ALA A 49 -14.26 -3.49 -16.41
N SER A 50 -13.37 -3.93 -15.58
CA SER A 50 -11.99 -3.84 -16.00
C SER A 50 -11.28 -5.06 -15.51
N ALA A 51 -10.17 -5.41 -16.09
CA ALA A 51 -9.40 -6.58 -15.66
C ALA A 51 -8.05 -6.18 -15.08
N ARG A 52 -7.54 -6.95 -14.15
CA ARG A 52 -6.18 -6.76 -13.75
C ARG A 52 -5.61 -8.08 -13.38
N GLY A 53 -4.66 -8.56 -14.19
CA GLY A 53 -4.13 -9.85 -13.92
C GLY A 53 -5.20 -10.90 -14.05
N LYS A 54 -5.29 -11.72 -13.03
CA LYS A 54 -6.28 -12.78 -12.93
C LYS A 54 -7.55 -12.37 -12.17
N GLU A 55 -7.80 -11.06 -12.10
CA GLU A 55 -9.01 -10.51 -11.44
C GLU A 55 -9.74 -9.61 -12.39
N LEU A 56 -10.98 -9.32 -12.05
CA LEU A 56 -11.81 -8.47 -12.86
C LEU A 56 -12.67 -7.71 -11.89
N ARG A 57 -12.93 -6.49 -12.18
CA ARG A 57 -13.79 -5.70 -11.33
C ARG A 57 -15.05 -5.32 -12.08
N LEU A 58 -16.19 -5.53 -11.48
CA LEU A 58 -17.38 -4.91 -11.99
C LEU A 58 -17.73 -3.67 -11.21
N ILE A 59 -18.13 -2.63 -11.93
CA ILE A 59 -18.77 -1.50 -11.36
C ILE A 59 -20.25 -1.41 -11.74
N LEU A 60 -21.11 -1.39 -10.72
CA LEU A 60 -22.54 -1.15 -10.87
C LEU A 60 -22.91 0.29 -10.61
N SER A 61 -23.37 0.96 -11.65
CA SER A 61 -23.53 2.38 -11.60
C SER A 61 -24.95 2.81 -11.84
N PRO A 62 -25.64 3.22 -10.75
CA PRO A 62 -26.99 3.78 -10.86
C PRO A 62 -27.04 4.98 -11.76
N LEU A 63 -28.08 5.09 -12.56
CA LEU A 63 -28.24 6.24 -13.40
C LEU A 63 -28.78 7.39 -12.55
N PRO A 64 -28.83 8.60 -13.10
CA PRO A 64 -29.39 9.70 -12.31
C PRO A 64 -30.87 9.43 -12.04
N GLY A 65 -31.26 9.66 -10.79
CA GLY A 65 -32.61 9.47 -10.31
C GLY A 65 -32.99 8.07 -9.92
N ALA A 66 -32.06 7.12 -10.07
CA ALA A 66 -32.32 5.73 -9.73
C ALA A 66 -32.84 5.58 -8.30
N GLN A 67 -33.73 4.65 -8.03
CA GLN A 67 -34.12 4.36 -6.65
C GLN A 67 -34.00 2.88 -6.33
N PRO A 68 -33.80 2.42 -5.01
CA PRO A 68 -33.54 3.45 -4.01
C PRO A 68 -32.16 3.98 -4.16
N GLN A 69 -31.77 4.83 -3.25
CA GLN A 69 -30.53 5.54 -3.38
C GLN A 69 -29.40 4.57 -3.21
N GLN A 70 -28.28 4.86 -3.85
CA GLN A 70 -27.28 3.87 -4.04
C GLN A 70 -26.13 4.60 -4.64
N GLU A 71 -24.95 4.42 -4.09
CA GLU A 71 -23.77 4.96 -4.71
C GLU A 71 -23.21 3.81 -5.48
N PRO A 72 -22.40 4.15 -6.57
CA PRO A 72 -21.87 2.99 -7.31
C PRO A 72 -21.26 1.92 -6.47
N LEU A 73 -21.28 0.70 -6.97
CA LEU A 73 -20.72 -0.38 -6.19
C LEU A 73 -19.77 -1.16 -7.05
N ALA A 74 -18.64 -1.55 -6.47
CA ALA A 74 -17.67 -2.33 -7.19
C ALA A 74 -17.54 -3.72 -6.61
N LEU A 75 -17.35 -4.67 -7.48
CA LEU A 75 -17.17 -6.04 -7.07
C LEU A 75 -15.97 -6.60 -7.83
N VAL A 76 -15.15 -7.36 -7.14
CA VAL A 76 -13.98 -7.95 -7.79
C VAL A 76 -14.19 -9.44 -7.74
N PHE A 77 -13.91 -10.06 -8.86
CA PHE A 77 -14.11 -11.47 -9.10
C PHE A 77 -12.80 -12.14 -9.37
N ARG A 78 -12.66 -13.37 -8.89
CA ARG A 78 -11.60 -14.28 -9.36
C ARG A 78 -12.29 -15.49 -9.91
N PHE A 79 -11.76 -16.04 -10.99
CA PHE A 79 -12.47 -17.07 -11.72
C PHE A 79 -12.25 -18.51 -11.31
N GLY A 80 -11.31 -18.76 -10.44
CA GLY A 80 -11.02 -20.16 -10.15
C GLY A 80 -10.62 -20.87 -11.44
N MET A 81 -11.03 -22.11 -11.58
CA MET A 81 -10.73 -22.94 -12.72
C MET A 81 -11.82 -22.92 -13.80
N SER A 82 -12.98 -22.33 -13.49
CA SER A 82 -14.06 -22.36 -14.50
C SER A 82 -14.94 -21.13 -14.59
N GLY A 83 -14.66 -20.10 -13.80
CA GLY A 83 -15.44 -18.91 -13.88
C GLY A 83 -15.56 -18.30 -15.24
N SER A 84 -16.68 -17.63 -15.47
CA SER A 84 -16.83 -16.87 -16.66
C SER A 84 -18.13 -16.09 -16.55
N PHE A 85 -18.36 -15.25 -17.55
CA PHE A 85 -19.52 -14.40 -17.65
C PHE A 85 -20.25 -14.74 -18.91
N GLN A 86 -21.58 -14.76 -18.86
CA GLN A 86 -22.41 -14.93 -20.02
C GLN A 86 -23.57 -13.99 -19.87
N LEU A 87 -24.13 -13.59 -21.01
CA LEU A 87 -25.28 -12.74 -21.03
C LEU A 87 -26.30 -13.70 -21.60
N VAL A 88 -27.44 -13.94 -20.94
CA VAL A 88 -28.42 -14.88 -21.47
C VAL A 88 -29.84 -14.45 -21.25
N PRO A 89 -30.79 -15.04 -21.99
CA PRO A 89 -32.19 -14.81 -21.72
C PRO A 89 -32.53 -15.08 -20.26
N ARG A 90 -33.26 -14.16 -19.65
CA ARG A 90 -33.56 -14.23 -18.23
C ARG A 90 -34.15 -15.60 -17.79
N GLU A 91 -35.09 -16.15 -18.54
CA GLU A 91 -35.59 -17.47 -18.17
C GLU A 91 -34.77 -18.67 -18.65
N GLU A 92 -33.59 -18.46 -19.23
CA GLU A 92 -32.76 -19.55 -19.76
C GLU A 92 -31.37 -19.47 -19.17
N LEU A 93 -31.34 -19.39 -17.87
CA LEU A 93 -30.13 -19.24 -17.13
C LEU A 93 -29.35 -20.48 -17.30
N PRO A 94 -27.98 -20.31 -17.55
CA PRO A 94 -27.25 -21.57 -17.59
C PRO A 94 -27.26 -22.09 -16.21
N ARG A 95 -26.52 -23.15 -16.04
CA ARG A 95 -25.89 -23.34 -14.80
C ARG A 95 -24.41 -23.33 -15.04
N HIS A 96 -23.61 -23.14 -14.02
CA HIS A 96 -24.03 -22.93 -12.69
C HIS A 96 -23.83 -21.45 -12.45
N ALA A 97 -24.85 -20.69 -12.80
CA ALA A 97 -24.89 -19.25 -12.69
C ALA A 97 -25.14 -18.83 -11.29
N HIS A 98 -24.09 -18.45 -10.63
CA HIS A 98 -24.08 -18.17 -9.22
C HIS A 98 -24.29 -16.75 -8.85
N LEU A 99 -24.15 -15.84 -9.80
CA LEU A 99 -24.46 -14.47 -9.51
C LEU A 99 -25.05 -13.91 -10.75
N ARG A 100 -26.17 -13.23 -10.58
CA ARG A 100 -26.98 -12.81 -11.71
C ARG A 100 -27.42 -11.37 -11.55
N PHE A 101 -27.37 -10.66 -12.66
CA PHE A 101 -27.80 -9.31 -12.79
C PHE A 101 -28.84 -9.23 -13.90
N TYR A 102 -29.95 -8.57 -13.62
CA TYR A 102 -31.15 -8.60 -14.46
C TYR A 102 -31.38 -7.29 -15.15
N THR A 103 -31.55 -7.35 -16.46
CA THR A 103 -31.93 -6.19 -17.21
C THR A 103 -33.33 -5.73 -16.84
N ALA A 104 -33.59 -4.48 -17.18
CA ALA A 104 -34.76 -3.76 -16.79
C ALA A 104 -35.59 -3.56 -18.07
N PRO A 105 -36.89 -3.26 -17.95
CA PRO A 105 -37.90 -3.53 -18.99
C PRO A 105 -37.80 -3.15 -20.48
N PRO A 106 -37.54 -1.87 -20.80
CA PRO A 106 -37.60 -1.70 -22.27
C PRO A 106 -36.61 -2.70 -22.88
N GLY A 107 -37.09 -3.70 -23.60
CA GLY A 107 -36.17 -4.72 -24.13
C GLY A 107 -36.44 -6.15 -23.70
N PRO A 108 -35.83 -7.08 -24.39
CA PRO A 108 -35.91 -8.49 -24.01
C PRO A 108 -35.15 -8.66 -22.68
N ARG A 109 -35.76 -9.39 -21.74
CA ARG A 109 -35.25 -9.57 -20.39
C ARG A 109 -34.03 -10.48 -20.35
N LEU A 110 -32.84 -9.94 -20.09
CA LEU A 110 -31.60 -10.76 -20.11
C LEU A 110 -31.05 -10.90 -18.70
N ALA A 111 -30.10 -11.79 -18.54
CA ALA A 111 -29.36 -11.82 -17.32
C ALA A 111 -27.83 -11.86 -17.59
N LEU A 112 -27.07 -10.96 -17.00
CA LEU A 112 -25.59 -11.11 -16.96
C LEU A 112 -25.24 -12.03 -15.83
N CYS A 113 -24.58 -13.13 -16.14
CA CYS A 113 -24.31 -14.17 -15.17
C CYS A 113 -22.90 -14.39 -15.01
N PHE A 114 -22.52 -14.55 -13.74
CA PHE A 114 -21.20 -15.09 -13.42
C PHE A 114 -21.46 -16.57 -13.25
N VAL A 115 -20.79 -17.35 -14.08
CA VAL A 115 -21.06 -18.74 -14.28
C VAL A 115 -19.79 -19.50 -13.99
N ASP A 116 -19.88 -20.44 -13.06
CA ASP A 116 -18.77 -21.10 -12.53
C ASP A 116 -19.04 -22.51 -12.02
N ILE A 117 -18.78 -23.52 -12.85
CA ILE A 117 -19.17 -24.90 -12.58
C ILE A 117 -18.51 -25.41 -11.29
N ARG A 118 -17.17 -25.34 -11.16
CA ARG A 118 -16.47 -25.97 -10.01
C ARG A 118 -16.50 -25.12 -8.75
N ARG A 119 -16.83 -23.86 -8.93
CA ARG A 119 -17.06 -22.95 -7.83
C ARG A 119 -15.80 -22.54 -7.09
N PHE A 120 -14.67 -22.55 -7.76
CA PHE A 120 -13.46 -22.05 -7.21
C PHE A 120 -13.41 -20.50 -7.32
N GLY A 121 -14.26 -19.94 -8.18
CA GLY A 121 -14.37 -18.50 -8.25
C GLY A 121 -14.70 -17.87 -6.93
N ARG A 122 -14.35 -16.59 -6.74
CA ARG A 122 -14.74 -15.86 -5.53
C ARG A 122 -15.09 -14.43 -5.92
N TRP A 123 -15.97 -13.77 -5.21
CA TRP A 123 -16.10 -12.32 -5.35
C TRP A 123 -16.06 -11.67 -4.04
N ASP A 124 -15.65 -10.42 -4.05
CA ASP A 124 -15.55 -9.63 -2.81
C ASP A 124 -16.25 -8.33 -2.96
N LEU A 125 -16.88 -7.91 -1.89
CA LEU A 125 -17.57 -6.62 -1.86
C LEU A 125 -16.49 -5.61 -1.65
N GLY A 126 -16.64 -4.49 -2.29
CA GLY A 126 -15.53 -3.54 -2.22
C GLY A 126 -14.76 -3.80 -3.49
N GLY A 127 -14.18 -2.75 -4.05
CA GLY A 127 -13.73 -2.94 -5.42
C GLY A 127 -12.27 -3.06 -5.43
N LYS A 128 -11.66 -3.65 -4.41
CA LYS A 128 -10.22 -3.65 -4.30
C LYS A 128 -9.51 -4.83 -4.93
N TRP A 129 -8.45 -4.55 -5.67
CA TRP A 129 -7.57 -5.62 -6.12
C TRP A 129 -7.04 -6.34 -4.92
N GLN A 130 -6.53 -7.52 -5.13
CA GLN A 130 -6.11 -8.29 -3.98
C GLN A 130 -4.83 -7.69 -3.53
N PRO A 131 -4.73 -7.37 -2.25
CA PRO A 131 -3.44 -6.89 -1.80
C PRO A 131 -2.47 -8.02 -2.04
N GLY A 132 -1.27 -7.77 -2.51
CA GLY A 132 -0.35 -8.88 -2.63
C GLY A 132 -0.21 -9.32 -4.07
N ARG A 133 -1.27 -9.15 -4.86
CA ARG A 133 -1.06 -9.38 -6.26
C ARG A 133 -0.22 -8.29 -6.89
N GLY A 134 0.71 -8.70 -7.71
CA GLY A 134 1.45 -7.79 -8.53
C GLY A 134 0.64 -7.20 -9.64
N PRO A 135 1.23 -6.26 -10.38
CA PRO A 135 0.67 -5.54 -11.51
C PRO A 135 0.40 -6.48 -12.62
N CYS A 136 -0.50 -6.06 -13.52
CA CYS A 136 -1.07 -6.89 -14.54
C CYS A 136 -0.05 -6.96 -15.63
N VAL A 137 0.24 -8.18 -16.12
CA VAL A 137 1.22 -8.37 -17.20
C VAL A 137 0.74 -7.86 -18.52
N LEU A 138 -0.57 -7.69 -18.63
CA LEU A 138 -1.17 -7.14 -19.85
C LEU A 138 -1.24 -5.65 -19.83
N GLN A 139 -1.73 -5.06 -18.77
CA GLN A 139 -2.03 -3.62 -18.79
C GLN A 139 -1.03 -2.81 -17.97
N GLU A 140 -0.21 -3.45 -17.16
CA GLU A 140 0.71 -2.75 -16.36
C GLU A 140 2.14 -3.24 -16.61
N TYR A 141 2.53 -3.38 -17.87
CA TYR A 141 3.74 -4.10 -18.19
C TYR A 141 4.98 -3.55 -17.46
N GLN A 142 5.28 -2.27 -17.52
CA GLN A 142 6.52 -1.84 -16.94
C GLN A 142 6.49 -1.96 -15.42
N GLN A 143 5.30 -1.80 -14.84
CA GLN A 143 5.26 -1.93 -13.41
C GLN A 143 5.55 -3.39 -13.07
N PHE A 144 5.00 -4.29 -13.89
CA PHE A 144 5.25 -5.70 -13.76
C PHE A 144 6.72 -6.05 -13.89
N ARG A 145 7.37 -5.52 -14.90
CA ARG A 145 8.72 -5.81 -15.11
C ARG A 145 9.59 -5.29 -13.92
N GLU A 146 9.35 -4.06 -13.46
CA GLU A 146 10.11 -3.54 -12.36
C GLU A 146 9.89 -4.34 -11.08
N ASN A 147 8.69 -4.76 -10.79
CA ASN A 147 8.46 -5.41 -9.55
C ASN A 147 9.14 -6.74 -9.48
N VAL A 148 9.24 -7.41 -10.61
CA VAL A 148 10.00 -8.66 -10.70
C VAL A 148 11.45 -8.41 -10.45
N LEU A 149 12.04 -7.51 -11.22
CA LEU A 149 13.47 -7.17 -11.20
C LEU A 149 13.99 -6.49 -9.93
N ARG A 150 13.27 -5.52 -9.40
CA ARG A 150 13.53 -5.01 -8.05
C ARG A 150 13.48 -6.12 -6.96
N ASN A 151 12.87 -7.29 -7.21
CA ASN A 151 12.69 -8.25 -6.13
C ASN A 151 13.26 -9.61 -6.26
N LEU A 152 14.36 -9.74 -6.97
CA LEU A 152 14.87 -11.04 -7.28
C LEU A 152 15.40 -11.78 -6.04
N ALA A 153 15.61 -11.06 -4.94
CA ALA A 153 16.16 -11.69 -3.77
C ALA A 153 15.06 -12.45 -3.10
N ASP A 154 13.81 -12.10 -3.38
CA ASP A 154 12.67 -12.87 -2.88
C ASP A 154 12.84 -14.36 -3.12
N LYS A 155 12.51 -15.11 -2.08
CA LYS A 155 12.65 -16.57 -2.07
C LYS A 155 11.78 -17.21 -3.12
N ALA A 156 10.81 -16.47 -3.63
CA ALA A 156 10.03 -16.94 -4.74
C ALA A 156 10.93 -17.35 -5.90
N PHE A 157 12.06 -16.61 -6.04
CA PHE A 157 12.90 -16.81 -7.17
C PHE A 157 13.92 -17.86 -6.96
N ASP A 158 13.96 -18.41 -5.78
CA ASP A 158 14.75 -19.62 -5.55
C ASP A 158 14.19 -20.82 -6.27
N ARG A 159 12.94 -20.73 -6.68
CA ARG A 159 12.22 -21.84 -7.25
C ARG A 159 12.46 -21.97 -8.74
N PRO A 160 12.10 -23.12 -9.31
CA PRO A 160 12.04 -23.27 -10.73
C PRO A 160 11.28 -22.14 -11.42
N ILE A 161 11.75 -21.72 -12.59
CA ILE A 161 11.10 -20.69 -13.34
C ILE A 161 9.65 -21.07 -13.63
N CYS A 162 9.36 -22.35 -13.82
CA CYS A 162 8.01 -22.74 -14.12
C CYS A 162 7.13 -22.47 -12.91
N GLU A 163 7.63 -22.68 -11.70
CA GLU A 163 6.82 -22.41 -10.51
C GLU A 163 6.62 -20.95 -10.19
N ALA A 164 7.71 -20.21 -10.24
CA ALA A 164 7.69 -18.74 -10.09
C ALA A 164 6.73 -18.04 -11.08
N LEU A 165 6.52 -18.60 -12.24
CA LEU A 165 5.57 -18.01 -13.20
C LEU A 165 4.10 -18.03 -12.69
N LEU A 166 3.76 -18.98 -11.80
CA LEU A 166 2.44 -19.04 -11.23
C LEU A 166 2.21 -18.12 -10.08
N ASP A 167 3.29 -17.54 -9.57
CA ASP A 167 3.21 -16.78 -8.35
C ASP A 167 2.62 -15.47 -8.70
N GLN A 168 1.41 -15.20 -8.26
CA GLN A 168 0.68 -14.05 -8.68
C GLN A 168 1.18 -12.74 -8.03
N ARG A 169 2.16 -12.80 -7.14
CA ARG A 169 2.70 -11.59 -6.57
C ARG A 169 3.61 -10.91 -7.55
N PHE A 170 4.11 -11.68 -8.51
CA PHE A 170 4.98 -11.16 -9.59
C PHE A 170 4.48 -11.39 -10.99
N PHE A 171 3.70 -12.45 -11.19
CA PHE A 171 3.20 -12.79 -12.49
C PHE A 171 1.66 -12.85 -12.55
N ASN A 172 1.03 -11.76 -12.11
CA ASN A 172 -0.42 -11.65 -11.99
C ASN A 172 -1.06 -11.78 -13.35
N GLY A 173 -1.71 -12.91 -13.58
CA GLY A 173 -2.32 -13.19 -14.86
C GLY A 173 -1.76 -14.42 -15.55
N ILE A 174 -0.59 -14.93 -15.10
CA ILE A 174 0.00 -16.06 -15.80
C ILE A 174 -0.51 -17.31 -15.11
N GLY A 175 -0.98 -18.26 -15.93
CA GLY A 175 -1.38 -19.53 -15.44
C GLY A 175 -0.71 -20.67 -16.19
N ASN A 176 -1.36 -21.82 -16.09
CA ASN A 176 -0.66 -23.03 -16.45
C ASN A 176 -0.34 -23.14 -17.94
N TYR A 177 -1.26 -22.65 -18.74
CA TYR A 177 -1.04 -22.71 -20.14
C TYR A 177 -0.06 -21.67 -20.60
N LEU A 178 -0.10 -20.47 -20.03
CA LEU A 178 0.77 -19.38 -20.45
C LEU A 178 2.23 -19.68 -20.13
N ARG A 179 2.49 -20.30 -19.01
CA ARG A 179 3.83 -20.60 -18.61
C ARG A 179 4.51 -21.60 -19.57
N ALA A 180 3.77 -22.63 -19.96
CA ALA A 180 4.25 -23.51 -20.97
C ALA A 180 4.46 -22.73 -22.21
N GLU A 181 3.53 -21.90 -22.62
CA GLU A 181 3.73 -21.20 -23.88
C GLU A 181 4.92 -20.26 -23.78
N ILE A 182 5.08 -19.59 -22.65
CA ILE A 182 6.08 -18.57 -22.53
C ILE A 182 7.49 -19.18 -22.66
N LEU A 183 7.75 -20.16 -21.82
CA LEU A 183 8.99 -20.84 -21.70
C LEU A 183 9.33 -21.54 -23.00
N TYR A 184 8.28 -21.98 -23.68
CA TYR A 184 8.50 -22.70 -24.92
C TYR A 184 9.07 -21.77 -25.99
N ARG A 185 8.55 -20.55 -26.09
CA ARG A 185 9.08 -19.57 -27.03
C ARG A 185 10.58 -19.31 -26.91
N LEU A 186 11.15 -19.46 -25.70
CA LEU A 186 12.65 -19.31 -25.49
C LEU A 186 13.39 -20.57 -25.16
N LYS A 187 12.73 -21.70 -25.25
CA LYS A 187 13.35 -22.96 -24.92
C LYS A 187 14.00 -22.90 -23.56
N ILE A 188 13.36 -22.23 -22.61
CA ILE A 188 13.96 -22.16 -21.31
C ILE A 188 13.50 -23.40 -20.59
N PRO A 189 14.41 -24.18 -20.07
CA PRO A 189 13.91 -25.35 -19.42
C PRO A 189 13.06 -24.95 -18.23
N PRO A 190 11.93 -25.63 -18.04
CA PRO A 190 11.00 -25.23 -17.03
C PRO A 190 11.61 -25.32 -15.65
N PHE A 191 12.61 -26.17 -15.48
CA PHE A 191 13.19 -26.28 -14.17
C PHE A 191 14.55 -25.62 -13.99
N GLU A 192 14.89 -24.66 -14.85
CA GLU A 192 15.95 -23.75 -14.47
C GLU A 192 15.48 -22.96 -13.26
N LYS A 193 16.46 -22.56 -12.43
CA LYS A 193 16.23 -21.69 -11.28
C LYS A 193 15.70 -20.39 -11.82
N ALA A 194 14.72 -19.80 -11.16
CA ALA A 194 14.09 -18.59 -11.64
C ALA A 194 15.01 -17.43 -11.61
N ARG A 195 15.64 -17.15 -10.48
CA ARG A 195 16.64 -16.15 -10.40
C ARG A 195 17.72 -16.14 -11.50
N SER A 196 18.14 -17.31 -11.96
CA SER A 196 19.23 -17.37 -12.96
C SER A 196 18.78 -16.87 -14.32
N VAL A 197 17.51 -17.11 -14.62
CA VAL A 197 16.96 -16.76 -15.90
C VAL A 197 16.64 -15.28 -15.88
N LEU A 198 16.34 -14.74 -14.70
CA LEU A 198 15.97 -13.31 -14.56
C LEU A 198 17.16 -12.37 -14.30
N GLU A 199 18.15 -12.85 -13.55
CA GLU A 199 19.42 -12.10 -13.32
C GLU A 199 20.09 -11.54 -14.56
N ALA A 200 20.07 -12.28 -15.68
CA ALA A 200 20.49 -11.74 -17.00
C ALA A 200 20.03 -10.26 -17.26
N LEU A 201 18.86 -9.88 -16.72
CA LEU A 201 18.20 -8.63 -17.04
C LEU A 201 18.36 -7.59 -15.90
N GLN A 202 19.18 -7.92 -14.89
CA GLN A 202 19.38 -7.12 -13.63
C GLN A 202 18.30 -7.40 -12.55
N ASN A 222 14.81 -12.22 -30.01
CA ASN A 222 15.25 -11.05 -29.24
C ASN A 222 14.40 -10.75 -27.95
N PRO A 223 13.07 -10.90 -27.97
CA PRO A 223 12.33 -10.53 -26.74
C PRO A 223 12.75 -11.41 -25.57
N ASP A 224 12.80 -10.89 -24.34
CA ASP A 224 13.25 -11.69 -23.22
C ASP A 224 12.05 -12.28 -22.49
N LEU A 225 12.33 -12.94 -21.38
CA LEU A 225 11.31 -13.72 -20.74
C LEU A 225 10.28 -12.78 -20.18
N LEU A 226 10.70 -11.63 -19.64
CA LEU A 226 9.69 -10.76 -19.05
C LEU A 226 8.83 -10.11 -20.16
N GLU A 227 9.39 -9.87 -21.33
CA GLU A 227 8.58 -9.31 -22.42
C GLU A 227 7.54 -10.32 -22.92
N LEU A 228 7.85 -11.61 -22.86
CA LEU A 228 6.92 -12.61 -23.36
C LEU A 228 5.78 -12.79 -22.42
N CYS A 229 6.00 -12.57 -21.15
CA CYS A 229 4.94 -12.60 -20.16
C CYS A 229 3.87 -11.58 -20.40
N HIS A 230 4.23 -10.57 -21.14
CA HIS A 230 3.25 -9.64 -21.59
C HIS A 230 2.74 -9.98 -22.98
N SER A 231 3.64 -10.31 -23.90
CA SER A 231 3.27 -10.33 -25.29
C SER A 231 2.59 -11.63 -25.67
N VAL A 232 2.91 -12.70 -24.95
CA VAL A 232 2.21 -13.97 -25.16
C VAL A 232 0.72 -13.96 -24.75
N PRO A 233 0.39 -13.52 -23.52
CA PRO A 233 -1.03 -13.33 -23.17
C PRO A 233 -1.72 -12.31 -24.04
N LYS A 234 -1.03 -11.25 -24.39
CA LYS A 234 -1.58 -10.35 -25.35
C LYS A 234 -1.94 -11.07 -26.62
N GLU A 235 -1.11 -11.96 -27.13
CA GLU A 235 -1.52 -12.64 -28.33
C GLU A 235 -2.93 -13.28 -28.13
N VAL A 236 -3.23 -13.78 -26.96
CA VAL A 236 -4.45 -14.50 -26.83
C VAL A 236 -5.61 -13.51 -26.82
N VAL A 237 -5.45 -12.40 -26.11
CA VAL A 237 -6.43 -11.32 -26.20
C VAL A 237 -6.69 -10.94 -27.67
N GLN A 238 -5.68 -11.00 -28.52
CA GLN A 238 -5.87 -10.52 -29.86
C GLN A 238 -6.56 -11.55 -30.68
N LEU A 239 -6.55 -12.81 -30.25
CA LEU A 239 -7.37 -13.78 -31.00
C LEU A 239 -8.80 -13.47 -30.82
N GLY A 240 -9.14 -12.86 -29.67
CA GLY A 240 -10.52 -12.57 -29.32
C GLY A 240 -11.29 -13.86 -29.15
N GLY A 241 -12.38 -13.86 -28.40
CA GLY A 241 -13.15 -15.05 -28.21
C GLY A 241 -13.25 -15.22 -26.72
N ARG A 242 -13.07 -16.42 -26.25
CA ARG A 242 -13.11 -16.75 -24.84
C ARG A 242 -11.79 -17.40 -24.38
N GLY A 243 -10.79 -17.45 -25.25
CA GLY A 243 -9.50 -18.11 -25.00
C GLY A 243 -9.66 -19.51 -24.52
N TYR A 244 -9.01 -19.86 -23.42
CA TYR A 244 -9.14 -21.19 -22.89
C TYR A 244 -10.58 -21.59 -22.56
N GLY A 245 -11.40 -20.66 -22.07
CA GLY A 245 -12.79 -20.96 -21.79
C GLY A 245 -13.66 -21.31 -22.99
N SER A 246 -13.14 -21.22 -24.21
CA SER A 246 -14.02 -21.30 -25.35
C SER A 246 -14.47 -22.76 -25.64
N GLU A 247 -15.75 -22.97 -25.98
CA GLU A 247 -16.35 -24.31 -26.14
C GLU A 247 -16.08 -24.99 -27.50
N SER A 248 -15.80 -26.28 -27.51
CA SER A 248 -15.62 -27.03 -28.77
C SER A 248 -16.88 -26.99 -29.61
N GLY A 249 -16.67 -26.82 -30.92
CA GLY A 249 -17.72 -26.46 -31.85
C GLY A 249 -17.31 -25.10 -32.39
N GLU A 250 -17.07 -24.19 -31.45
CA GLU A 250 -15.84 -23.66 -31.02
C GLU A 250 -15.24 -22.71 -32.00
N GLU A 251 -16.00 -21.91 -32.66
CA GLU A 251 -15.19 -21.24 -33.66
C GLU A 251 -13.96 -20.65 -33.01
N ASP A 252 -14.09 -20.25 -31.76
CA ASP A 252 -13.01 -19.57 -31.07
C ASP A 252 -12.17 -20.55 -30.33
N PHE A 253 -12.73 -21.68 -30.00
CA PHE A 253 -11.94 -22.78 -29.41
C PHE A 253 -10.90 -23.36 -30.36
N ALA A 254 -11.21 -23.41 -31.65
CA ALA A 254 -10.31 -24.02 -32.62
C ALA A 254 -9.14 -23.08 -32.84
N ALA A 255 -9.47 -21.79 -32.84
CA ALA A 255 -8.51 -20.72 -32.82
C ALA A 255 -7.54 -20.91 -31.68
N PHE A 256 -8.06 -21.10 -30.49
CA PHE A 256 -7.17 -21.06 -29.33
C PHE A 256 -6.30 -22.29 -29.39
N ARG A 257 -6.91 -23.42 -29.71
CA ARG A 257 -6.14 -24.64 -29.83
C ARG A 257 -5.03 -24.55 -30.87
N ALA A 258 -5.31 -23.82 -31.94
CA ALA A 258 -4.38 -23.63 -33.05
C ALA A 258 -3.29 -22.67 -32.70
N TRP A 259 -3.49 -21.89 -31.66
CA TRP A 259 -2.53 -20.91 -31.20
C TRP A 259 -1.57 -21.62 -30.27
N LEU A 260 -2.07 -22.64 -29.56
CA LEU A 260 -1.25 -23.26 -28.54
C LEU A 260 -0.20 -24.01 -29.26
N ARG A 261 1.06 -23.82 -28.84
CA ARG A 261 2.19 -24.56 -29.39
C ARG A 261 2.77 -25.66 -28.50
N CYS A 262 2.55 -25.59 -27.22
CA CYS A 262 3.24 -26.46 -26.32
C CYS A 262 2.27 -27.11 -25.39
N TYR A 263 1.52 -26.32 -24.63
CA TYR A 263 0.52 -26.83 -23.66
C TYR A 263 -0.41 -27.91 -24.22
N GLY A 264 -0.34 -29.08 -23.62
CA GLY A 264 -1.04 -30.27 -24.10
C GLY A 264 -0.70 -30.82 -25.47
N MET A 265 0.35 -30.40 -26.15
CA MET A 265 0.50 -30.80 -27.53
C MET A 265 1.27 -32.09 -27.68
N PRO A 266 0.96 -32.89 -28.71
CA PRO A 266 1.74 -34.08 -28.94
C PRO A 266 3.16 -33.67 -29.28
N GLY A 267 4.09 -34.58 -29.01
CA GLY A 267 5.49 -34.26 -29.02
C GLY A 267 6.09 -33.75 -27.72
N MET A 268 5.30 -33.09 -26.87
CA MET A 268 5.86 -32.41 -25.72
C MET A 268 6.00 -33.29 -24.49
N SER A 269 6.92 -32.92 -23.62
CA SER A 269 7.06 -33.61 -22.37
C SER A 269 6.17 -32.90 -21.39
N SER A 270 5.89 -33.58 -20.30
CA SER A 270 5.24 -32.96 -19.20
C SER A 270 5.74 -33.58 -17.93
N LEU A 271 5.69 -32.79 -16.87
CA LEU A 271 6.13 -33.17 -15.56
C LEU A 271 5.26 -32.38 -14.57
N GLN A 272 5.17 -32.86 -13.33
CA GLN A 272 4.47 -32.17 -12.28
C GLN A 272 5.42 -31.28 -11.57
N ASP A 273 5.06 -29.99 -11.38
CA ASP A 273 5.82 -29.12 -10.49
C ASP A 273 5.53 -29.52 -9.10
N ARG A 274 6.13 -28.86 -8.15
CA ARG A 274 5.99 -29.32 -6.80
C ARG A 274 4.62 -29.18 -6.22
N HIS A 275 3.74 -28.38 -6.80
CA HIS A 275 2.36 -28.30 -6.32
C HIS A 275 1.37 -29.16 -7.11
N GLY A 276 1.90 -30.12 -7.86
CA GLY A 276 1.05 -31.04 -8.56
C GLY A 276 0.53 -30.47 -9.88
N ARG A 277 0.99 -29.29 -10.31
CA ARG A 277 0.55 -28.73 -11.55
C ARG A 277 1.44 -29.14 -12.67
N THR A 278 0.82 -29.50 -13.78
CA THR A 278 1.55 -30.05 -14.91
C THR A 278 2.21 -28.98 -15.69
N ILE A 279 3.48 -29.16 -16.02
CA ILE A 279 4.12 -28.20 -16.88
C ILE A 279 4.51 -28.95 -18.13
N TRP A 280 4.21 -28.34 -19.27
CA TRP A 280 4.53 -28.88 -20.55
C TRP A 280 5.69 -28.13 -21.10
N PHE A 281 6.44 -28.84 -21.91
CA PHE A 281 7.70 -28.35 -22.42
C PHE A 281 8.29 -29.34 -23.39
N GLN A 282 9.30 -28.83 -24.09
CA GLN A 282 10.09 -29.58 -25.02
C GLN A 282 11.51 -29.53 -24.59
N GLY A 283 12.18 -30.67 -24.65
CA GLY A 283 13.61 -30.71 -24.41
C GLY A 283 13.96 -30.90 -22.96
N ASP A 284 15.05 -30.25 -22.59
CA ASP A 284 15.69 -30.32 -21.25
C ASP A 284 14.64 -29.97 -20.20
N PRO A 285 14.48 -30.80 -19.20
CA PRO A 285 13.60 -30.32 -18.10
C PRO A 285 14.26 -29.21 -17.28
N GLY A 286 15.59 -29.20 -17.20
CA GLY A 286 16.25 -28.16 -16.47
C GLY A 286 16.82 -28.71 -15.20
N PRO A 287 17.80 -28.01 -14.60
CA PRO A 287 18.53 -28.54 -13.47
C PRO A 287 17.66 -28.92 -12.27
N LEU A 288 16.61 -28.19 -11.94
CA LEU A 288 15.88 -28.48 -10.69
C LEU A 288 14.73 -29.52 -10.84
N ALA A 289 14.76 -30.35 -11.87
CA ALA A 289 13.60 -31.19 -12.16
C ALA A 289 13.39 -32.20 -11.05
N PRO A 290 12.14 -32.42 -10.63
CA PRO A 290 11.98 -33.49 -9.65
C PRO A 290 12.53 -34.76 -10.29
N LYS A 291 13.33 -35.50 -9.55
CA LYS A 291 14.04 -36.66 -10.10
C LYS A 291 13.92 -37.81 -9.11
N PRO B 2 0.49 21.29 -16.68
CA PRO B 2 0.78 20.10 -17.42
C PRO B 2 -0.33 19.08 -17.60
N GLU B 3 0.01 17.99 -18.31
CA GLU B 3 -0.97 17.02 -18.68
C GLU B 3 -0.78 15.72 -17.90
N GLY B 4 -1.55 14.71 -18.30
CA GLY B 4 -1.60 13.53 -17.51
C GLY B 4 -0.23 12.95 -17.27
N PRO B 5 0.60 12.83 -18.32
CA PRO B 5 1.89 12.22 -18.04
C PRO B 5 2.66 13.04 -17.03
N GLU B 6 2.49 14.35 -17.01
CA GLU B 6 3.25 15.12 -16.01
C GLU B 6 2.65 14.92 -14.62
N LEU B 7 1.33 14.87 -14.54
CA LEU B 7 0.73 14.69 -13.21
C LEU B 7 1.21 13.33 -12.68
N HIS B 8 1.24 12.33 -13.54
CA HIS B 8 1.73 11.02 -13.15
C HIS B 8 3.23 10.96 -12.76
N LEU B 9 4.08 11.57 -13.55
CA LEU B 9 5.52 11.62 -13.16
C LEU B 9 5.67 12.40 -11.87
N ALA B 10 4.94 13.51 -11.75
CA ALA B 10 5.01 14.27 -10.53
C ALA B 10 4.62 13.39 -9.37
N SER B 11 3.61 12.54 -9.53
CA SER B 11 3.22 11.64 -8.40
C SER B 11 4.32 10.67 -8.02
N GLN B 12 5.08 10.18 -9.00
CA GLN B 12 6.11 9.13 -8.77
C GLN B 12 7.17 9.79 -7.93
N PHE B 13 7.60 10.93 -8.46
CA PHE B 13 8.58 11.78 -7.84
C PHE B 13 8.35 11.94 -6.36
N VAL B 14 7.12 12.21 -5.99
CA VAL B 14 6.83 12.48 -4.60
C VAL B 14 6.87 11.20 -3.73
N ASN B 15 6.32 10.08 -4.22
CA ASN B 15 6.38 8.87 -3.42
C ASN B 15 7.81 8.44 -3.32
N GLU B 16 8.54 8.63 -4.41
CA GLU B 16 9.96 8.28 -4.52
C GLU B 16 10.80 9.04 -3.53
N ALA B 17 10.58 10.35 -3.50
CA ALA B 17 11.48 11.24 -2.80
C ALA B 17 11.15 11.28 -1.33
N CYS B 18 9.89 11.03 -0.97
CA CYS B 18 9.49 11.21 0.42
C CYS B 18 9.30 9.95 1.22
N ARG B 19 9.52 8.79 0.63
CA ARG B 19 9.23 7.59 1.40
C ARG B 19 10.23 7.60 2.53
N ALA B 20 11.48 7.92 2.20
CA ALA B 20 12.52 8.05 3.19
C ALA B 20 12.07 8.99 4.33
N LEU B 21 11.35 10.05 3.99
CA LEU B 21 11.25 11.24 4.81
C LEU B 21 10.06 11.35 5.75
N VAL B 22 10.25 12.10 6.83
CA VAL B 22 9.21 12.33 7.84
C VAL B 22 8.99 13.82 7.95
N PHE B 23 7.79 14.28 7.65
CA PHE B 23 7.53 15.71 7.72
C PHE B 23 7.00 16.07 9.09
N GLY B 24 7.02 17.36 9.41
CA GLY B 24 6.63 17.81 10.74
C GLY B 24 6.39 19.28 10.72
N GLY B 25 5.32 19.69 11.40
CA GLY B 25 5.02 21.10 11.62
C GLY B 25 3.80 21.61 10.89
N CYS B 26 3.88 22.87 10.49
CA CYS B 26 2.86 23.62 9.83
C CYS B 26 3.06 23.31 8.38
N VAL B 27 2.00 23.29 7.58
CA VAL B 27 2.17 23.41 6.16
C VAL B 27 2.11 24.90 5.72
N GLU B 28 3.15 25.34 5.02
CA GLU B 28 3.30 26.74 4.75
C GLU B 28 3.00 27.11 3.29
N LYS B 29 2.09 28.08 3.15
CA LYS B 29 1.72 28.72 1.91
C LYS B 29 2.44 30.05 1.74
N SER B 30 2.80 30.40 0.51
CA SER B 30 3.41 31.67 0.22
C SER B 30 2.40 32.79 0.39
N SER B 31 2.89 34.01 0.56
CA SER B 31 2.01 35.12 0.92
C SER B 31 1.20 35.55 -0.30
N VAL B 32 1.59 35.11 -1.48
CA VAL B 32 0.97 35.62 -2.65
C VAL B 32 -0.16 34.75 -3.23
N SER B 33 -0.15 33.48 -2.84
CA SER B 33 -1.05 32.48 -3.33
C SER B 33 -2.40 32.58 -2.74
N ARG B 34 -3.46 32.59 -3.55
CA ARG B 34 -4.85 32.65 -3.04
C ARG B 34 -5.51 31.29 -2.78
N ASN B 35 -4.78 30.20 -2.88
CA ASN B 35 -5.36 28.96 -2.45
C ASN B 35 -5.45 28.86 -0.94
N PRO B 36 -6.24 27.90 -0.45
CA PRO B 36 -6.55 27.88 0.97
C PRO B 36 -5.34 27.53 1.81
N GLU B 37 -5.30 28.06 3.05
CA GLU B 37 -4.27 27.64 3.98
C GLU B 37 -4.61 26.20 4.27
N VAL B 38 -3.57 25.43 4.52
CA VAL B 38 -3.68 24.03 4.82
C VAL B 38 -3.61 23.93 6.34
N PRO B 39 -4.74 23.76 6.99
CA PRO B 39 -4.73 23.78 8.43
C PRO B 39 -4.36 22.37 8.85
N PHE B 40 -3.06 22.08 8.93
CA PHE B 40 -2.60 20.75 9.23
C PHE B 40 -1.28 20.81 9.93
N GLU B 41 -1.26 20.32 11.16
CA GLU B 41 -0.10 20.40 12.01
C GLU B 41 0.15 19.03 12.58
N SER B 42 1.35 18.50 12.46
CA SER B 42 1.65 17.23 13.07
C SER B 42 3.15 17.13 13.31
N SER B 43 3.53 16.58 14.46
CA SER B 43 4.93 16.49 14.85
C SER B 43 5.75 15.49 14.02
N ALA B 44 5.07 14.54 13.37
CA ALA B 44 5.70 13.60 12.44
C ALA B 44 4.65 13.09 11.45
N TYR B 45 4.90 13.21 10.15
CA TYR B 45 3.97 12.66 9.16
C TYR B 45 4.64 12.30 7.84
N ARG B 46 4.06 11.31 7.18
CA ARG B 46 4.52 10.91 5.90
C ARG B 46 3.66 11.60 4.83
N ILE B 47 4.28 11.80 3.65
CA ILE B 47 3.61 12.31 2.51
C ILE B 47 3.63 11.29 1.36
N SER B 48 2.45 10.93 0.86
CA SER B 48 2.33 10.14 -0.38
C SER B 48 1.36 10.79 -1.38
N ALA B 49 1.35 10.22 -2.57
CA ALA B 49 0.84 10.90 -3.72
C ALA B 49 0.28 9.87 -4.63
N SER B 50 -0.73 10.24 -5.42
CA SER B 50 -1.16 9.38 -6.51
C SER B 50 -1.83 10.30 -7.49
N ALA B 51 -1.85 9.95 -8.74
CA ALA B 51 -2.52 10.76 -9.73
C ALA B 51 -3.73 10.15 -10.36
N ARG B 52 -4.57 11.02 -10.92
CA ARG B 52 -5.69 10.63 -11.71
C ARG B 52 -5.99 11.68 -12.72
N GLY B 53 -5.71 11.36 -13.97
CA GLY B 53 -5.90 12.36 -15.01
C GLY B 53 -5.04 13.57 -14.71
N LYS B 54 -5.64 14.74 -14.70
CA LYS B 54 -4.90 15.95 -14.60
C LYS B 54 -4.90 16.44 -13.13
N GLU B 55 -5.09 15.52 -12.20
CA GLU B 55 -5.15 15.82 -10.78
C GLU B 55 -4.18 14.95 -10.04
N LEU B 56 -3.75 15.44 -8.90
CA LEU B 56 -2.80 14.69 -8.04
C LEU B 56 -3.25 14.81 -6.66
N ARG B 57 -3.24 13.73 -5.91
CA ARG B 57 -3.71 13.76 -4.52
C ARG B 57 -2.58 13.53 -3.58
N LEU B 58 -2.31 14.48 -2.67
CA LEU B 58 -1.33 14.22 -1.62
C LEU B 58 -2.08 13.81 -0.43
N ILE B 59 -1.60 12.75 0.21
CA ILE B 59 -2.10 12.39 1.53
C ILE B 59 -1.01 12.76 2.55
N LEU B 60 -1.48 13.36 3.62
CA LEU B 60 -0.64 13.65 4.76
C LEU B 60 -1.07 12.72 5.91
N SER B 61 -0.28 11.68 6.15
CA SER B 61 -0.65 10.65 7.10
C SER B 61 0.23 10.81 8.32
N PRO B 62 -0.32 11.34 9.45
CA PRO B 62 0.52 11.36 10.65
C PRO B 62 1.06 9.96 11.01
N LEU B 63 2.29 9.92 11.53
CA LEU B 63 2.86 8.71 12.05
C LEU B 63 2.13 8.35 13.36
N PRO B 64 2.08 7.04 13.69
CA PRO B 64 1.44 6.56 14.90
C PRO B 64 1.78 7.38 16.14
N GLY B 65 0.78 7.98 16.77
CA GLY B 65 1.00 8.72 18.02
C GLY B 65 1.32 10.19 17.81
N ALA B 66 1.53 10.57 16.55
CA ALA B 66 1.78 11.94 16.17
C ALA B 66 0.88 12.94 16.88
N GLN B 67 1.40 14.15 17.09
CA GLN B 67 0.76 15.07 18.02
C GLN B 67 0.13 16.36 17.48
N PRO B 68 -1.14 16.23 17.10
CA PRO B 68 -2.30 16.30 17.94
C PRO B 68 -3.05 15.12 17.34
N GLN B 69 -3.97 14.46 18.06
CA GLN B 69 -4.54 13.25 17.45
C GLN B 69 -5.25 13.63 16.15
N GLN B 70 -5.10 12.80 15.12
CA GLN B 70 -5.51 13.19 13.76
C GLN B 70 -5.64 12.08 12.74
N GLU B 71 -6.66 12.18 11.90
CA GLU B 71 -6.72 11.35 10.71
C GLU B 71 -5.86 12.05 9.67
N PRO B 72 -5.35 11.27 8.70
CA PRO B 72 -4.63 11.84 7.58
C PRO B 72 -5.43 12.92 6.89
N LEU B 73 -4.73 13.82 6.21
CA LEU B 73 -5.36 14.86 5.41
C LEU B 73 -4.97 14.65 3.97
N ALA B 74 -5.97 14.66 3.11
CA ALA B 74 -5.76 14.64 1.68
C ALA B 74 -5.96 16.03 1.07
N LEU B 75 -5.09 16.38 0.15
CA LEU B 75 -5.30 17.55 -0.67
C LEU B 75 -5.30 17.11 -2.10
N VAL B 76 -6.05 17.77 -2.96
CA VAL B 76 -5.91 17.47 -4.39
C VAL B 76 -5.38 18.70 -5.12
N PHE B 77 -4.48 18.49 -6.05
CA PHE B 77 -3.91 19.53 -6.82
C PHE B 77 -4.30 19.49 -8.29
N ARG B 78 -4.41 20.68 -8.83
CA ARG B 78 -4.46 20.86 -10.22
C ARG B 78 -3.38 21.87 -10.59
N PHE B 79 -2.62 21.55 -11.59
CA PHE B 79 -1.42 22.19 -11.90
C PHE B 79 -1.61 23.33 -12.84
N GLY B 80 -2.80 23.54 -13.40
CA GLY B 80 -2.94 24.62 -14.34
C GLY B 80 -1.85 24.58 -15.35
N MET B 81 -1.41 25.75 -15.76
CA MET B 81 -0.44 25.89 -16.83
C MET B 81 1.03 25.69 -16.36
N SER B 82 1.35 25.66 -15.07
CA SER B 82 2.74 25.54 -14.68
C SER B 82 3.07 24.74 -13.40
N GLY B 83 2.10 24.20 -12.69
CA GLY B 83 2.39 23.39 -11.50
C GLY B 83 3.52 22.37 -11.58
N SER B 84 4.10 22.05 -10.44
CA SER B 84 5.09 21.01 -10.32
C SER B 84 5.41 20.84 -8.85
N PHE B 85 6.16 19.80 -8.54
CA PHE B 85 6.63 19.60 -7.19
C PHE B 85 8.11 19.49 -7.22
N GLN B 86 8.72 19.96 -6.17
CA GLN B 86 10.18 19.88 -6.03
C GLN B 86 10.60 19.61 -4.62
N LEU B 87 11.76 18.98 -4.51
CA LEU B 87 12.34 18.73 -3.21
C LEU B 87 13.50 19.65 -3.02
N VAL B 88 13.41 20.54 -2.07
CA VAL B 88 14.53 21.43 -1.93
C VAL B 88 15.06 21.60 -0.55
N PRO B 89 16.30 22.03 -0.49
CA PRO B 89 16.76 22.46 0.84
C PRO B 89 15.93 23.60 1.36
N ARG B 90 15.44 23.45 2.57
CA ARG B 90 14.64 24.46 3.28
C ARG B 90 15.06 25.91 3.03
N GLU B 91 16.31 26.30 3.28
CA GLU B 91 16.69 27.71 3.03
C GLU B 91 17.03 28.01 1.57
N GLU B 92 16.66 27.11 0.68
CA GLU B 92 16.86 27.32 -0.72
C GLU B 92 15.56 26.96 -1.46
N LEU B 93 14.54 27.76 -1.24
CA LEU B 93 13.28 27.67 -2.01
C LEU B 93 13.48 28.12 -3.46
N PRO B 94 12.74 27.52 -4.38
CA PRO B 94 12.62 28.28 -5.61
C PRO B 94 11.56 29.37 -5.43
N ARG B 95 11.63 30.34 -6.30
CA ARG B 95 10.58 31.33 -6.28
C ARG B 95 9.40 30.59 -6.85
N HIS B 96 8.24 31.02 -6.43
CA HIS B 96 7.00 30.52 -6.85
C HIS B 96 6.67 29.22 -6.17
N ALA B 97 7.34 28.97 -5.04
CA ALA B 97 6.99 27.80 -4.21
C ALA B 97 5.82 28.26 -3.35
N HIS B 98 4.60 27.89 -3.75
CA HIS B 98 3.43 28.40 -3.11
C HIS B 98 2.92 27.54 -2.01
N LEU B 99 3.42 26.32 -1.96
CA LEU B 99 3.14 25.44 -0.84
C LEU B 99 4.33 24.58 -0.48
N ARG B 100 4.73 24.62 0.79
CA ARG B 100 5.90 23.84 1.26
C ARG B 100 5.61 22.97 2.50
N PHE B 101 6.30 21.82 2.53
CA PHE B 101 6.11 20.78 3.56
C PHE B 101 7.48 20.57 4.13
N TYR B 102 7.56 20.65 5.46
CA TYR B 102 8.82 20.79 6.09
C TYR B 102 9.22 19.55 6.83
N THR B 103 10.25 18.87 6.34
CA THR B 103 10.77 17.74 7.12
C THR B 103 11.14 18.18 8.53
N ALA B 104 11.09 17.17 9.41
CA ALA B 104 11.28 17.30 10.85
C ALA B 104 12.75 17.44 11.19
N PRO B 105 13.04 17.87 12.45
CA PRO B 105 14.39 18.19 12.93
C PRO B 105 15.46 17.08 12.96
N PRO B 106 15.06 15.81 12.83
CA PRO B 106 16.06 14.82 12.47
C PRO B 106 16.94 15.23 11.27
N GLY B 107 18.24 15.42 11.50
CA GLY B 107 19.16 15.74 10.40
C GLY B 107 18.61 16.75 9.39
N PRO B 108 18.98 16.64 8.10
CA PRO B 108 18.71 17.70 7.08
C PRO B 108 17.23 18.14 6.88
N ARG B 109 17.12 19.42 6.55
CA ARG B 109 15.91 20.18 6.64
C ARG B 109 15.45 20.33 5.24
N LEU B 110 14.42 19.61 4.86
CA LEU B 110 13.93 19.68 3.50
C LEU B 110 12.57 20.30 3.40
N ALA B 111 12.37 20.89 2.23
CA ALA B 111 11.08 21.39 1.72
C ALA B 111 10.58 20.67 0.44
N LEU B 112 9.48 19.97 0.57
CA LEU B 112 8.70 19.50 -0.61
C LEU B 112 7.81 20.66 -0.94
N CYS B 113 8.03 21.25 -2.13
CA CYS B 113 7.31 22.40 -2.66
C CYS B 113 6.41 22.20 -3.86
N PHE B 114 5.16 22.70 -3.75
CA PHE B 114 4.37 22.91 -4.95
C PHE B 114 4.79 24.21 -5.58
N VAL B 115 5.38 24.13 -6.75
CA VAL B 115 5.86 25.33 -7.42
C VAL B 115 5.00 25.57 -8.62
N ASP B 116 4.55 26.82 -8.77
CA ASP B 116 3.64 27.21 -9.86
C ASP B 116 3.75 28.67 -10.27
N ILE B 117 4.47 28.93 -11.34
CA ILE B 117 4.87 30.23 -11.81
C ILE B 117 3.66 31.07 -12.02
N ARG B 118 2.79 30.60 -12.92
CA ARG B 118 1.66 31.45 -13.34
C ARG B 118 0.47 31.44 -12.38
N ARG B 119 0.51 30.53 -11.43
CA ARG B 119 -0.45 30.54 -10.35
C ARG B 119 -1.86 30.12 -10.74
N PHE B 120 -2.06 29.47 -11.87
CA PHE B 120 -3.35 28.92 -12.24
C PHE B 120 -3.62 27.53 -11.57
N GLY B 121 -2.66 26.99 -10.85
CA GLY B 121 -2.84 25.74 -10.16
C GLY B 121 -3.76 25.96 -9.02
N ARG B 122 -4.26 24.90 -8.41
CA ARG B 122 -5.17 25.04 -7.25
C ARG B 122 -4.94 23.83 -6.42
N TRP B 123 -5.31 23.90 -5.15
CA TRP B 123 -5.45 22.70 -4.35
C TRP B 123 -6.70 22.83 -3.49
N ASP B 124 -7.44 21.74 -3.32
CA ASP B 124 -8.57 21.74 -2.35
C ASP B 124 -8.27 20.87 -1.16
N LEU B 125 -8.75 21.26 0.00
CA LEU B 125 -8.87 20.33 1.12
C LEU B 125 -9.97 19.30 0.82
N GLY B 126 -9.90 18.17 1.47
CA GLY B 126 -10.77 17.07 1.05
C GLY B 126 -9.96 16.29 0.04
N GLY B 127 -10.08 14.99 0.07
CA GLY B 127 -9.28 14.17 -0.81
C GLY B 127 -9.95 13.85 -2.11
N LYS B 128 -11.00 14.59 -2.49
CA LYS B 128 -11.88 14.11 -3.56
C LYS B 128 -11.45 14.53 -4.93
N TRP B 129 -11.55 13.61 -5.87
CA TRP B 129 -11.34 13.93 -7.25
C TRP B 129 -12.46 14.83 -7.68
N GLN B 130 -12.19 15.63 -8.68
CA GLN B 130 -13.18 16.54 -9.06
C GLN B 130 -14.48 15.86 -9.56
N PRO B 131 -15.64 16.28 -9.07
CA PRO B 131 -16.79 15.58 -9.59
C PRO B 131 -16.91 15.98 -11.02
N GLY B 132 -17.24 15.01 -11.85
CA GLY B 132 -17.39 15.34 -13.17
C GLY B 132 -16.23 14.86 -14.00
N ARG B 133 -15.00 14.75 -13.44
CA ARG B 133 -13.92 14.35 -14.29
C ARG B 133 -14.07 12.86 -14.53
N GLY B 134 -13.77 12.46 -15.76
CA GLY B 134 -13.89 11.09 -16.18
C GLY B 134 -12.68 10.31 -15.72
N PRO B 135 -12.64 9.03 -16.04
CA PRO B 135 -11.57 8.18 -15.57
C PRO B 135 -10.27 8.56 -16.19
N CYS B 136 -9.18 8.25 -15.50
CA CYS B 136 -7.84 8.55 -15.98
C CYS B 136 -7.52 7.72 -17.23
N VAL B 137 -7.01 8.41 -18.26
CA VAL B 137 -6.63 7.68 -19.49
C VAL B 137 -5.39 6.85 -19.27
N LEU B 138 -4.57 7.25 -18.33
CA LEU B 138 -3.47 6.39 -18.02
C LEU B 138 -3.80 5.16 -17.19
N GLN B 139 -4.52 5.32 -16.06
CA GLN B 139 -4.64 4.21 -15.12
C GLN B 139 -5.94 3.59 -15.02
N GLU B 140 -6.93 4.16 -15.70
CA GLU B 140 -8.24 3.59 -15.72
C GLU B 140 -8.68 3.50 -17.18
N TYR B 141 -7.85 2.89 -17.99
CA TYR B 141 -8.10 2.84 -19.41
C TYR B 141 -9.43 2.21 -19.78
N GLN B 142 -9.80 1.09 -19.22
CA GLN B 142 -11.04 0.47 -19.68
C GLN B 142 -12.23 1.26 -19.23
N GLN B 143 -12.23 1.70 -18.01
CA GLN B 143 -13.30 2.62 -17.58
C GLN B 143 -13.30 3.86 -18.42
N PHE B 144 -12.15 4.41 -18.76
CA PHE B 144 -12.16 5.56 -19.64
C PHE B 144 -12.71 5.17 -21.01
N ARG B 145 -12.18 4.10 -21.57
CA ARG B 145 -12.65 3.65 -22.88
C ARG B 145 -14.14 3.54 -22.86
N GLU B 146 -14.69 2.95 -21.85
CA GLU B 146 -16.10 2.76 -21.88
C GLU B 146 -16.87 4.00 -21.48
N ASN B 147 -16.33 4.91 -20.72
CA ASN B 147 -17.13 6.02 -20.36
C ASN B 147 -17.28 6.88 -21.58
N VAL B 148 -16.31 6.83 -22.48
CA VAL B 148 -16.47 7.50 -23.76
C VAL B 148 -17.55 6.86 -24.62
N LEU B 149 -17.35 5.58 -24.97
CA LEU B 149 -18.24 4.94 -25.94
C LEU B 149 -19.67 4.74 -25.46
N ARG B 150 -19.89 4.74 -24.18
CA ARG B 150 -21.20 4.53 -23.63
C ARG B 150 -21.92 5.91 -23.48
N ASN B 151 -21.26 7.03 -23.80
CA ASN B 151 -21.95 8.33 -23.82
C ASN B 151 -21.71 9.18 -25.08
N LEU B 152 -21.43 8.56 -26.22
CA LEU B 152 -21.35 9.32 -27.47
C LEU B 152 -22.56 10.23 -27.69
N ALA B 153 -23.73 9.91 -27.13
CA ALA B 153 -24.90 10.79 -27.28
C ALA B 153 -24.74 12.12 -26.59
N ASP B 154 -23.87 12.22 -25.61
CA ASP B 154 -23.58 13.53 -24.94
C ASP B 154 -23.25 14.64 -25.94
N LYS B 155 -23.87 15.81 -25.72
CA LYS B 155 -23.56 17.03 -26.52
C LYS B 155 -22.06 17.25 -26.69
N ALA B 156 -21.27 16.75 -25.75
CA ALA B 156 -19.83 16.84 -25.85
C ALA B 156 -19.20 16.33 -27.14
N PHE B 157 -19.79 15.38 -27.84
CA PHE B 157 -19.13 14.83 -29.02
C PHE B 157 -19.64 15.41 -30.33
N ASP B 158 -20.54 16.39 -30.22
CA ASP B 158 -20.84 17.34 -31.31
C ASP B 158 -19.55 18.00 -31.76
N ARG B 159 -18.74 18.38 -30.80
CA ARG B 159 -17.63 19.26 -31.06
C ARG B 159 -16.55 18.58 -31.88
N PRO B 160 -15.77 19.40 -32.59
CA PRO B 160 -14.61 18.89 -33.31
C PRO B 160 -13.74 18.07 -32.40
N ILE B 161 -13.16 17.03 -32.97
CA ILE B 161 -12.51 16.03 -32.16
C ILE B 161 -11.38 16.66 -31.37
N CYS B 162 -10.68 17.60 -31.97
CA CYS B 162 -9.64 18.30 -31.26
C CYS B 162 -10.17 18.95 -29.98
N GLU B 163 -11.37 19.51 -29.99
CA GLU B 163 -11.86 20.16 -28.77
C GLU B 163 -12.27 19.17 -27.75
N ALA B 164 -13.08 18.21 -28.19
CA ALA B 164 -13.55 17.16 -27.30
C ALA B 164 -12.44 16.43 -26.59
N LEU B 165 -11.26 16.28 -27.21
CA LEU B 165 -10.13 15.65 -26.53
C LEU B 165 -9.64 16.40 -25.33
N LEU B 166 -10.00 17.66 -25.17
CA LEU B 166 -9.70 18.44 -23.94
C LEU B 166 -10.82 18.37 -22.89
N ASP B 167 -11.95 17.78 -23.16
CA ASP B 167 -13.02 17.86 -22.18
C ASP B 167 -12.70 16.81 -21.17
N GLN B 168 -12.45 17.20 -19.93
CA GLN B 168 -11.93 16.33 -18.88
C GLN B 168 -12.98 15.44 -18.29
N ARG B 169 -14.21 15.61 -18.72
CA ARG B 169 -15.24 14.65 -18.30
C ARG B 169 -15.11 13.32 -19.00
N PHE B 170 -14.51 13.30 -20.19
CA PHE B 170 -14.31 12.11 -20.95
C PHE B 170 -12.88 11.83 -21.31
N PHE B 171 -11.99 12.85 -21.28
CA PHE B 171 -10.56 12.61 -21.56
C PHE B 171 -9.62 13.19 -20.51
N ASN B 172 -9.92 12.81 -19.28
CA ASN B 172 -9.27 13.26 -18.11
C ASN B 172 -7.83 12.91 -18.24
N GLY B 173 -6.99 13.94 -18.25
CA GLY B 173 -5.58 13.79 -18.43
C GLY B 173 -5.05 14.31 -19.76
N ILE B 174 -5.94 14.43 -20.74
CA ILE B 174 -5.50 14.85 -22.05
C ILE B 174 -5.47 16.35 -22.14
N GLY B 175 -4.47 16.84 -22.84
CA GLY B 175 -4.32 18.29 -22.98
C GLY B 175 -3.57 18.69 -24.21
N ASN B 176 -3.15 19.93 -24.26
CA ASN B 176 -3.00 20.48 -25.61
C ASN B 176 -1.97 19.82 -26.44
N TYR B 177 -0.87 19.38 -25.84
CA TYR B 177 0.17 18.69 -26.65
C TYR B 177 -0.20 17.29 -26.97
N LEU B 178 -0.92 16.62 -26.08
CA LEU B 178 -1.38 15.29 -26.37
C LEU B 178 -2.39 15.31 -27.44
N ARG B 179 -3.35 16.21 -27.43
CA ARG B 179 -4.35 16.07 -28.50
C ARG B 179 -3.68 16.18 -29.88
N ALA B 180 -2.60 16.94 -29.97
CA ALA B 180 -1.93 17.05 -31.26
C ALA B 180 -1.22 15.75 -31.65
N GLU B 181 -0.51 15.17 -30.71
CA GLU B 181 0.25 14.00 -30.96
C GLU B 181 -0.69 12.84 -31.31
N ILE B 182 -1.81 12.77 -30.59
CA ILE B 182 -2.76 11.71 -30.80
C ILE B 182 -3.34 11.81 -32.20
N LEU B 183 -3.91 12.96 -32.53
CA LEU B 183 -4.62 13.05 -33.78
C LEU B 183 -3.66 12.88 -34.92
N TYR B 184 -2.44 13.36 -34.72
CA TYR B 184 -1.41 13.29 -35.74
C TYR B 184 -1.08 11.85 -36.10
N ARG B 185 -1.01 10.98 -35.11
CA ARG B 185 -0.67 9.59 -35.39
C ARG B 185 -1.71 8.84 -36.24
N LEU B 186 -2.97 9.27 -36.13
CA LEU B 186 -4.01 8.68 -36.94
C LEU B 186 -4.37 9.60 -38.08
N LYS B 187 -3.65 10.70 -38.20
CA LYS B 187 -3.93 11.67 -39.23
C LYS B 187 -5.44 11.91 -39.34
N ILE B 188 -6.09 12.05 -38.20
CA ILE B 188 -7.49 12.38 -38.18
C ILE B 188 -7.50 13.90 -38.24
N PRO B 189 -8.29 14.46 -39.13
CA PRO B 189 -8.47 15.90 -39.19
C PRO B 189 -8.98 16.51 -37.91
N PRO B 190 -8.04 17.34 -37.30
CA PRO B 190 -8.48 18.02 -36.08
C PRO B 190 -9.89 18.50 -35.95
N PHE B 191 -10.51 18.99 -37.01
CA PHE B 191 -11.84 19.55 -36.86
C PHE B 191 -12.98 18.67 -37.30
N GLU B 192 -12.67 17.41 -37.49
CA GLU B 192 -13.71 16.46 -37.78
C GLU B 192 -14.58 16.30 -36.58
N LYS B 193 -15.87 16.18 -36.79
CA LYS B 193 -16.78 15.96 -35.70
C LYS B 193 -16.35 14.78 -34.89
N ALA B 194 -16.41 14.92 -33.58
CA ALA B 194 -15.89 13.90 -32.71
C ALA B 194 -16.69 12.65 -32.92
N ARG B 195 -17.95 12.74 -32.56
CA ARG B 195 -18.83 11.61 -32.70
C ARG B 195 -18.64 10.79 -34.01
N SER B 196 -18.30 11.44 -35.12
CA SER B 196 -18.06 10.73 -36.38
C SER B 196 -16.75 9.97 -36.36
N VAL B 197 -15.86 10.41 -35.51
CA VAL B 197 -14.58 9.76 -35.46
C VAL B 197 -14.72 8.54 -34.57
N LEU B 198 -15.74 8.52 -33.73
CA LEU B 198 -15.74 7.62 -32.62
C LEU B 198 -16.69 6.47 -32.73
N GLU B 199 -17.87 6.71 -33.27
CA GLU B 199 -18.87 5.69 -33.54
C GLU B 199 -18.34 4.29 -33.81
N ALA B 200 -17.74 4.23 -34.95
CA ALA B 200 -17.36 2.99 -35.63
C ALA B 200 -16.91 1.93 -34.62
N LEU B 201 -15.97 2.31 -33.76
CA LEU B 201 -15.44 1.40 -32.75
C LEU B 201 -16.57 0.63 -32.07
N GLN B 202 -17.57 1.36 -31.59
CA GLN B 202 -18.69 0.75 -30.93
C GLN B 202 -19.52 -0.01 -31.96
N ASN B 222 -2.28 -1.24 -35.34
CA ASN B 222 -3.20 -0.30 -35.98
C ASN B 222 -4.14 0.34 -34.97
N PRO B 223 -3.55 0.68 -33.83
CA PRO B 223 -4.31 1.27 -32.71
C PRO B 223 -5.35 2.26 -33.08
N ASP B 224 -6.43 2.33 -32.33
CA ASP B 224 -7.46 3.36 -32.55
C ASP B 224 -7.36 4.59 -31.59
N LEU B 225 -8.31 5.50 -31.73
CA LEU B 225 -8.18 6.78 -31.17
C LEU B 225 -8.15 6.71 -29.66
N LEU B 226 -8.96 5.82 -29.11
CA LEU B 226 -9.11 5.75 -27.68
C LEU B 226 -7.94 5.02 -27.08
N GLU B 227 -7.33 4.11 -27.82
CA GLU B 227 -6.13 3.38 -27.38
C GLU B 227 -4.98 4.36 -27.30
N LEU B 228 -4.92 5.21 -28.30
CA LEU B 228 -3.88 6.18 -28.36
C LEU B 228 -4.04 7.18 -27.20
N CYS B 229 -5.27 7.61 -26.92
CA CYS B 229 -5.44 8.47 -25.74
C CYS B 229 -4.78 7.84 -24.51
N HIS B 230 -4.56 6.54 -24.56
CA HIS B 230 -3.88 5.89 -23.46
C HIS B 230 -2.40 5.57 -23.72
N SER B 231 -2.11 4.94 -24.87
CA SER B 231 -0.73 4.54 -25.20
C SER B 231 0.16 5.74 -25.40
N VAL B 232 -0.36 6.76 -26.08
CA VAL B 232 0.45 7.94 -26.30
C VAL B 232 0.99 8.57 -25.00
N PRO B 233 0.11 8.92 -24.06
CA PRO B 233 0.72 9.50 -22.88
C PRO B 233 1.50 8.52 -22.08
N LYS B 234 1.14 7.26 -22.16
CA LYS B 234 1.94 6.21 -21.52
C LYS B 234 3.40 6.29 -22.01
N GLU B 235 3.60 6.72 -23.24
CA GLU B 235 4.94 6.81 -23.77
C GLU B 235 5.75 7.88 -23.10
N VAL B 236 5.15 9.04 -23.04
CA VAL B 236 5.75 10.17 -22.43
C VAL B 236 6.18 9.83 -21.05
N VAL B 237 5.51 8.88 -20.45
CA VAL B 237 5.75 8.57 -19.08
C VAL B 237 6.92 7.64 -18.93
N GLN B 238 7.21 6.90 -19.98
CA GLN B 238 8.19 5.85 -19.85
C GLN B 238 9.62 6.33 -19.93
N LEU B 239 9.78 7.62 -20.22
CA LEU B 239 11.08 8.24 -20.28
C LEU B 239 11.58 8.54 -18.90
N GLY B 240 10.72 9.12 -18.09
CA GLY B 240 11.11 9.43 -16.74
C GLY B 240 11.21 10.90 -16.51
N GLY B 241 11.56 11.26 -15.29
CA GLY B 241 11.74 12.63 -14.90
C GLY B 241 10.48 13.46 -14.86
N ARG B 242 10.44 14.47 -15.70
CA ARG B 242 9.28 15.28 -15.90
C ARG B 242 9.00 15.02 -17.33
N GLY B 243 8.31 15.91 -18.01
CA GLY B 243 8.02 15.69 -19.41
C GLY B 243 7.64 16.97 -20.10
N TYR B 244 7.73 18.06 -19.37
CA TYR B 244 7.36 19.33 -19.91
C TYR B 244 7.57 20.36 -18.86
N ALA B 254 13.84 18.67 -21.46
CA ALA B 254 14.86 18.08 -22.29
C ALA B 254 14.52 16.66 -22.56
N ALA B 255 14.79 16.21 -23.79
CA ALA B 255 14.55 14.84 -24.20
C ALA B 255 13.07 14.46 -24.39
N PHE B 256 12.18 15.36 -24.02
CA PHE B 256 10.77 15.21 -24.26
C PHE B 256 10.50 15.86 -25.59
N ARG B 257 11.35 16.79 -25.95
CA ARG B 257 11.29 17.43 -27.28
C ARG B 257 11.56 16.50 -28.47
N ALA B 258 12.46 15.51 -28.33
CA ALA B 258 12.69 14.55 -29.44
C ALA B 258 11.65 13.45 -29.52
N TRP B 259 10.75 13.41 -28.56
CA TRP B 259 9.63 12.49 -28.65
C TRP B 259 8.55 13.19 -29.44
N LEU B 260 8.43 14.49 -29.21
CA LEU B 260 7.41 15.22 -29.91
C LEU B 260 7.59 14.87 -31.36
N ARG B 261 6.47 14.55 -32.00
CA ARG B 261 6.41 14.43 -33.44
C ARG B 261 5.56 15.48 -34.13
N CYS B 262 4.77 16.26 -33.39
CA CYS B 262 3.86 17.26 -34.01
C CYS B 262 3.75 18.60 -33.25
N TYR B 263 3.78 18.60 -31.91
CA TYR B 263 3.59 19.83 -31.15
C TYR B 263 4.80 20.79 -31.36
N GLY B 264 4.56 21.88 -32.08
CA GLY B 264 5.59 22.88 -32.28
C GLY B 264 6.75 22.46 -33.17
N MET B 265 6.51 21.47 -34.03
CA MET B 265 7.54 21.05 -35.00
C MET B 265 7.46 21.92 -36.26
N PRO B 266 8.61 22.12 -36.94
CA PRO B 266 8.56 22.92 -38.15
C PRO B 266 7.72 22.20 -39.18
N GLY B 267 6.99 22.95 -39.99
CA GLY B 267 6.17 22.39 -41.07
C GLY B 267 4.88 21.72 -40.65
N MET B 268 4.40 22.07 -39.46
CA MET B 268 3.14 21.56 -38.94
C MET B 268 2.19 22.73 -38.89
N SER B 269 0.96 22.56 -39.34
CA SER B 269 0.00 23.65 -39.31
C SER B 269 -0.53 23.82 -37.90
N SER B 270 -1.05 25.01 -37.60
CA SER B 270 -1.81 25.19 -36.40
C SER B 270 -2.93 26.21 -36.57
N LEU B 271 -4.08 25.94 -35.93
CA LEU B 271 -5.20 26.86 -35.89
C LEU B 271 -5.72 26.99 -34.47
N GLN B 272 -6.48 28.06 -34.22
CA GLN B 272 -7.20 28.22 -32.97
C GLN B 272 -8.50 27.43 -32.97
N ASP B 273 -8.71 26.63 -31.94
CA ASP B 273 -10.03 26.00 -31.73
C ASP B 273 -10.99 27.04 -31.21
N ARG B 274 -12.20 26.66 -30.87
CA ARG B 274 -13.20 27.63 -30.50
C ARG B 274 -12.84 28.49 -29.33
N HIS B 275 -12.03 27.98 -28.40
CA HIS B 275 -11.71 28.77 -27.22
C HIS B 275 -10.28 29.21 -27.22
N GLY B 276 -9.76 29.58 -28.37
CA GLY B 276 -8.45 30.19 -28.45
C GLY B 276 -7.29 29.27 -28.19
N ARG B 277 -7.50 27.98 -28.22
CA ARG B 277 -6.41 27.10 -27.96
C ARG B 277 -5.88 26.50 -29.24
N THR B 278 -4.56 26.42 -29.30
CA THR B 278 -3.83 26.04 -30.51
C THR B 278 -3.79 24.54 -30.71
N ILE B 279 -4.08 24.07 -31.91
CA ILE B 279 -3.95 22.65 -32.25
C ILE B 279 -2.88 22.46 -33.36
N TRP B 280 -1.91 21.59 -33.14
CA TRP B 280 -0.84 21.31 -34.09
C TRP B 280 -1.11 20.06 -34.89
N PHE B 281 -0.88 20.13 -36.20
CA PHE B 281 -1.26 19.04 -37.09
C PHE B 281 -0.67 19.17 -38.51
N GLN B 282 -1.05 18.19 -39.32
CA GLN B 282 -0.70 18.11 -40.72
C GLN B 282 -1.96 17.73 -41.55
N GLY B 283 -2.22 18.51 -42.60
CA GLY B 283 -3.25 18.15 -43.57
C GLY B 283 -4.60 18.83 -43.39
N ASP B 284 -5.66 18.11 -43.78
CA ASP B 284 -7.03 18.62 -43.71
C ASP B 284 -7.15 19.09 -42.32
N PRO B 285 -7.54 20.36 -42.12
CA PRO B 285 -7.99 20.75 -40.80
C PRO B 285 -9.36 20.16 -40.46
N GLY B 286 -10.16 19.75 -41.45
CA GLY B 286 -11.46 19.12 -41.19
C GLY B 286 -12.60 20.12 -41.32
N PRO B 287 -13.85 19.63 -41.35
CA PRO B 287 -15.05 20.46 -41.60
C PRO B 287 -15.35 21.52 -40.57
N LEU B 288 -15.27 21.16 -39.30
CA LEU B 288 -15.79 22.00 -38.24
C LEU B 288 -14.85 23.18 -37.92
N ALA B 289 -14.07 23.64 -38.89
CA ALA B 289 -13.05 24.61 -38.61
C ALA B 289 -13.69 26.00 -38.50
N PRO B 290 -13.02 26.95 -37.81
CA PRO B 290 -13.44 28.36 -37.89
C PRO B 290 -13.28 28.93 -39.30
N PRO C 2 10.09 -6.70 27.64
CA PRO C 2 9.95 -5.40 27.06
C PRO C 2 10.80 -4.31 27.70
N GLU C 3 10.66 -3.09 27.17
CA GLU C 3 11.53 -1.96 27.46
C GLU C 3 10.70 -0.88 28.13
N GLY C 4 11.35 0.25 28.41
CA GLY C 4 10.76 1.32 29.21
C GLY C 4 9.33 1.63 28.87
N PRO C 5 9.06 1.84 27.60
CA PRO C 5 7.71 2.21 27.27
C PRO C 5 6.70 1.09 27.61
N GLU C 6 7.05 -0.17 27.33
CA GLU C 6 6.13 -1.24 27.68
C GLU C 6 5.96 -1.26 29.19
N LEU C 7 7.05 -1.08 29.93
CA LEU C 7 6.96 -1.01 31.38
C LEU C 7 6.01 0.10 31.81
N HIS C 8 6.23 1.31 31.33
CA HIS C 8 5.38 2.41 31.72
C HIS C 8 3.91 2.14 31.36
N LEU C 9 3.70 1.60 30.16
CA LEU C 9 2.37 1.30 29.67
C LEU C 9 1.72 0.26 30.56
N ALA C 10 2.39 -0.87 30.76
CA ALA C 10 1.97 -1.83 31.77
C ALA C 10 1.54 -1.10 33.04
N SER C 11 2.46 -0.36 33.66
CA SER C 11 2.12 0.41 34.86
C SER C 11 0.78 1.17 34.68
N GLN C 12 0.67 1.91 33.59
CA GLN C 12 -0.54 2.66 33.34
C GLN C 12 -1.74 1.73 33.21
N PHE C 13 -1.57 0.65 32.44
CA PHE C 13 -2.61 -0.35 32.25
C PHE C 13 -3.22 -0.72 33.58
N VAL C 14 -2.34 -0.96 34.55
CA VAL C 14 -2.75 -1.47 35.84
C VAL C 14 -3.54 -0.43 36.60
N ASN C 15 -2.93 0.73 36.81
CA ASN C 15 -3.61 1.80 37.52
C ASN C 15 -5.00 1.99 36.95
N GLU C 16 -5.06 2.28 35.65
CA GLU C 16 -6.33 2.53 34.96
C GLU C 16 -7.30 1.38 35.25
N ALA C 17 -6.91 0.18 34.84
CA ALA C 17 -7.77 -1.01 34.94
C ALA C 17 -8.16 -1.42 36.36
N CYS C 18 -7.36 -1.01 37.35
CA CYS C 18 -7.51 -1.50 38.72
C CYS C 18 -7.84 -0.46 39.77
N ARG C 19 -7.98 0.81 39.41
CA ARG C 19 -8.17 1.83 40.44
C ARG C 19 -9.45 1.59 41.27
N ALA C 20 -10.52 1.16 40.60
CA ALA C 20 -11.85 1.06 41.25
C ALA C 20 -12.23 -0.34 41.78
N LEU C 21 -11.38 -1.34 41.54
CA LEU C 21 -11.62 -2.72 41.98
C LEU C 21 -10.93 -3.04 43.32
N VAL C 22 -11.33 -4.17 43.90
CA VAL C 22 -10.84 -4.65 45.20
C VAL C 22 -10.42 -6.14 45.13
N PHE C 23 -9.20 -6.44 45.56
CA PHE C 23 -8.69 -7.81 45.56
C PHE C 23 -8.84 -8.43 46.93
N GLY C 24 -8.58 -9.73 47.03
CA GLY C 24 -8.68 -10.45 48.29
C GLY C 24 -7.94 -11.77 48.22
N GLY C 25 -7.69 -12.36 49.39
CA GLY C 25 -6.98 -13.64 49.48
C GLY C 25 -5.48 -13.47 49.30
N CYS C 26 -4.78 -14.60 49.15
CA CYS C 26 -3.32 -14.59 48.94
C CYS C 26 -2.99 -14.19 47.50
N VAL C 27 -1.70 -13.97 47.26
CA VAL C 27 -1.18 -13.79 45.92
C VAL C 27 -0.63 -15.12 45.40
N GLU C 28 -1.20 -15.62 44.33
CA GLU C 28 -1.05 -17.03 43.99
C GLU C 28 -0.04 -17.22 42.88
N LYS C 29 1.06 -17.90 43.21
CA LYS C 29 2.18 -18.12 42.30
C LYS C 29 2.13 -19.52 41.75
N SER C 30 2.23 -19.66 40.44
CA SER C 30 2.19 -20.98 39.82
C SER C 30 3.33 -21.88 40.31
N SER C 31 3.12 -23.18 40.16
CA SER C 31 4.09 -24.19 40.63
C SER C 31 5.41 -24.09 39.88
N VAL C 32 5.33 -23.76 38.60
CA VAL C 32 6.48 -23.89 37.72
C VAL C 32 7.41 -22.72 37.90
N SER C 33 6.87 -21.62 38.41
CA SER C 33 7.59 -20.36 38.61
C SER C 33 8.63 -20.43 39.73
N ARG C 34 9.87 -20.11 39.37
CA ARG C 34 11.03 -20.15 40.29
C ARG C 34 11.20 -18.86 41.09
N ASN C 35 10.31 -17.91 40.87
CA ASN C 35 10.41 -16.63 41.56
C ASN C 35 9.90 -16.71 42.98
N PRO C 36 10.45 -15.84 43.86
CA PRO C 36 10.07 -15.83 45.25
C PRO C 36 8.55 -15.89 45.49
N GLU C 37 8.20 -16.47 46.62
CA GLU C 37 6.83 -16.54 47.07
C GLU C 37 6.37 -15.18 47.46
N VAL C 38 5.06 -15.00 47.48
CA VAL C 38 4.52 -13.71 47.83
C VAL C 38 3.61 -13.84 49.05
N PRO C 39 4.12 -13.44 50.22
CA PRO C 39 3.40 -13.52 51.48
C PRO C 39 2.52 -12.29 51.67
N PHE C 40 1.30 -12.40 51.18
CA PHE C 40 0.35 -11.31 51.28
C PHE C 40 -1.04 -11.86 51.21
N GLU C 41 -1.80 -11.64 52.28
CA GLU C 41 -3.19 -12.00 52.37
C GLU C 41 -3.89 -10.82 53.03
N SER C 42 -4.80 -10.18 52.32
CA SER C 42 -5.72 -9.21 52.92
C SER C 42 -7.13 -9.44 52.38
N SER C 43 -8.12 -9.12 53.21
CA SER C 43 -9.51 -9.40 52.93
C SER C 43 -10.08 -8.48 51.85
N ALA C 44 -9.54 -7.27 51.74
CA ALA C 44 -9.95 -6.32 50.71
C ALA C 44 -8.88 -5.25 50.44
N TYR C 45 -7.99 -5.54 49.49
CA TYR C 45 -6.87 -4.64 49.19
C TYR C 45 -6.98 -3.96 47.83
N ARG C 46 -6.00 -3.10 47.54
CA ARG C 46 -5.98 -2.24 46.34
C ARG C 46 -4.62 -2.31 45.64
N ILE C 47 -4.64 -2.53 44.34
CA ILE C 47 -3.39 -2.60 43.57
C ILE C 47 -3.17 -1.28 42.82
N SER C 48 -2.01 -0.67 43.05
CA SER C 48 -1.52 0.49 42.28
C SER C 48 -0.24 0.11 41.54
N ALA C 49 0.29 1.03 40.73
CA ALA C 49 1.57 0.77 40.04
C ALA C 49 2.30 2.05 39.62
N SER C 50 3.57 1.88 39.31
CA SER C 50 4.46 2.98 38.99
C SER C 50 5.52 2.35 38.12
N ALA C 51 6.35 3.13 37.45
CA ALA C 51 7.46 2.52 36.72
C ALA C 51 8.71 3.39 36.66
N ARG C 52 9.87 2.75 36.51
CA ARG C 52 11.15 3.45 36.38
C ARG C 52 12.11 2.61 35.55
N GLY C 53 12.27 2.97 34.28
CA GLY C 53 13.15 2.25 33.39
C GLY C 53 12.54 0.90 33.07
N LYS C 54 13.33 -0.15 33.22
CA LYS C 54 12.84 -1.51 32.93
C LYS C 54 12.25 -2.22 34.13
N GLU C 55 11.80 -1.45 35.11
CA GLU C 55 11.20 -1.98 36.32
C GLU C 55 9.85 -1.33 36.61
N LEU C 56 9.02 -2.09 37.30
CA LEU C 56 7.66 -1.76 37.56
C LEU C 56 7.33 -2.12 38.99
N ARG C 57 6.83 -1.15 39.74
CA ARG C 57 6.59 -1.32 41.15
C ARG C 57 5.07 -1.42 41.42
N LEU C 58 4.63 -2.61 41.82
CA LEU C 58 3.29 -2.83 42.36
C LEU C 58 3.24 -2.46 43.84
N ILE C 59 2.29 -1.64 44.20
CA ILE C 59 2.04 -1.33 45.56
C ILE C 59 0.69 -1.93 45.92
N LEU C 60 0.72 -3.06 46.61
CA LEU C 60 -0.49 -3.69 47.08
C LEU C 60 -0.86 -2.99 48.33
N SER C 61 -2.08 -2.50 48.40
CA SER C 61 -2.50 -1.79 49.56
C SER C 61 -3.78 -2.37 50.09
N PRO C 62 -3.77 -2.56 51.48
CA PRO C 62 -5.06 -3.02 52.00
C PRO C 62 -5.89 -1.82 52.34
N LEU C 63 -7.16 -1.83 51.97
CA LEU C 63 -8.02 -0.69 52.24
C LEU C 63 -8.64 -0.70 53.63
N PRO C 64 -9.42 0.44 53.94
CA PRO C 64 -9.61 0.70 55.38
C PRO C 64 -9.74 -0.41 56.43
N ALA C 66 -9.66 -4.52 57.13
CA ALA C 66 -9.08 -5.63 56.39
C ALA C 66 -8.27 -6.49 57.30
N GLN C 67 -8.92 -7.40 58.01
CA GLN C 67 -8.21 -8.31 58.85
C GLN C 67 -7.31 -9.11 57.91
N PRO C 68 -5.93 -9.24 58.15
CA PRO C 68 -5.42 -8.60 59.36
C PRO C 68 -4.68 -7.34 59.05
N GLN C 69 -4.07 -6.73 60.06
CA GLN C 69 -3.35 -5.50 59.85
C GLN C 69 -2.24 -5.86 58.91
N GLN C 70 -2.18 -5.20 57.78
CA GLN C 70 -1.16 -5.47 56.78
C GLN C 70 -0.77 -4.13 56.20
N GLU C 71 0.51 -3.79 56.33
CA GLU C 71 1.04 -2.55 55.79
C GLU C 71 1.35 -2.78 54.32
N PRO C 72 1.24 -1.74 53.52
CA PRO C 72 1.36 -1.95 52.07
C PRO C 72 2.66 -2.66 51.70
N LEU C 73 2.53 -3.68 50.86
CA LEU C 73 3.68 -4.46 50.42
C LEU C 73 4.04 -4.08 49.00
N ALA C 74 5.34 -4.12 48.72
CA ALA C 74 5.86 -3.68 47.45
C ALA C 74 6.65 -4.78 46.75
N LEU C 75 6.24 -5.03 45.51
CA LEU C 75 6.89 -5.95 44.62
C LEU C 75 7.43 -5.15 43.47
N VAL C 76 8.62 -5.53 42.99
CA VAL C 76 9.20 -4.95 41.78
C VAL C 76 9.31 -6.04 40.72
N PHE C 77 9.09 -5.70 39.47
CA PHE C 77 9.20 -6.67 38.40
C PHE C 77 10.23 -6.22 37.39
N ARG C 78 10.89 -7.20 36.79
CA ARG C 78 11.54 -6.99 35.51
C ARG C 78 10.90 -8.00 34.62
N PHE C 79 10.77 -7.66 33.34
CA PHE C 79 9.91 -8.39 32.46
C PHE C 79 10.69 -9.33 31.58
N GLY C 80 12.00 -9.46 31.79
CA GLY C 80 12.79 -10.22 30.83
C GLY C 80 12.23 -9.99 29.45
N MET C 81 12.01 -11.06 28.70
CA MET C 81 11.49 -10.98 27.33
C MET C 81 9.96 -11.02 27.12
N SER C 82 9.17 -11.49 28.08
CA SER C 82 7.75 -11.70 27.82
C SER C 82 6.80 -11.15 28.86
N GLY C 83 7.34 -10.47 29.85
CA GLY C 83 6.53 -9.93 30.92
C GLY C 83 5.41 -9.07 30.39
N SER C 84 4.31 -9.07 31.10
CA SER C 84 3.09 -8.43 30.66
C SER C 84 2.14 -8.42 31.83
N PHE C 85 0.95 -7.87 31.66
CA PHE C 85 -0.09 -7.99 32.68
C PHE C 85 -1.44 -8.03 32.00
N GLN C 86 -2.32 -8.86 32.56
CA GLN C 86 -3.66 -9.02 32.04
C GLN C 86 -4.65 -8.98 33.17
N LEU C 87 -5.83 -8.46 32.89
CA LEU C 87 -6.94 -8.51 33.81
C LEU C 87 -8.02 -9.33 33.12
N VAL C 88 -8.09 -10.62 33.45
CA VAL C 88 -8.99 -11.55 32.77
C VAL C 88 -10.07 -12.06 33.73
N PRO C 89 -11.04 -12.84 33.22
CA PRO C 89 -11.88 -13.58 34.16
C PRO C 89 -11.05 -14.58 34.97
N ARG C 90 -11.41 -14.74 36.24
CA ARG C 90 -10.78 -15.68 37.18
C ARG C 90 -10.69 -17.09 36.58
N GLU C 91 -11.64 -17.41 35.70
CA GLU C 91 -11.76 -18.74 35.09
C GLU C 91 -11.09 -18.86 33.70
N GLU C 92 -10.80 -17.73 33.05
CA GLU C 92 -10.06 -17.67 31.78
C GLU C 92 -8.59 -17.24 32.01
N LEU C 93 -7.92 -17.87 32.97
CA LEU C 93 -6.53 -17.54 33.21
C LEU C 93 -5.74 -17.86 31.97
N PRO C 94 -4.98 -16.90 31.45
CA PRO C 94 -4.15 -17.24 30.31
C PRO C 94 -3.04 -18.22 30.67
N ARG C 95 -2.52 -18.85 29.63
CA ARG C 95 -1.70 -20.06 29.71
C ARG C 95 -0.59 -19.93 30.74
N HIS C 96 0.19 -18.87 30.58
CA HIS C 96 1.40 -18.69 31.36
C HIS C 96 1.21 -17.59 32.39
N ALA C 97 0.04 -17.60 33.03
CA ALA C 97 -0.25 -16.62 34.07
C ALA C 97 0.53 -17.06 35.32
N HIS C 98 1.74 -16.53 35.47
CA HIS C 98 2.71 -17.05 36.45
C HIS C 98 2.63 -16.44 37.84
N LEU C 99 1.95 -15.31 37.99
CA LEU C 99 1.66 -14.74 39.32
C LEU C 99 0.29 -14.05 39.29
N ARG C 100 -0.58 -14.33 40.25
CA ARG C 100 -1.99 -13.98 40.12
C ARG C 100 -2.55 -13.29 41.33
N PHE C 101 -3.35 -12.25 41.09
CA PHE C 101 -4.06 -11.52 42.12
C PHE C 101 -5.54 -11.66 41.82
N TYR C 102 -6.35 -11.86 42.86
CA TYR C 102 -7.76 -12.21 42.68
C TYR C 102 -8.73 -11.19 43.25
N THR C 103 -9.82 -10.95 42.51
CA THR C 103 -10.83 -9.96 42.90
C THR C 103 -11.59 -10.45 44.10
N ALA C 104 -12.16 -9.50 44.84
CA ALA C 104 -12.60 -9.74 46.22
C ALA C 104 -13.91 -10.52 46.33
N PRO C 105 -14.18 -11.09 47.54
CA PRO C 105 -15.45 -11.77 47.84
C PRO C 105 -16.72 -11.08 47.31
N PRO C 106 -16.79 -9.73 47.41
CA PRO C 106 -17.84 -9.02 46.68
C PRO C 106 -17.32 -8.40 45.37
N GLY C 107 -17.92 -8.79 44.24
CA GLY C 107 -17.57 -8.23 42.94
C GLY C 107 -17.59 -9.28 41.84
N PRO C 108 -17.18 -8.88 40.61
CA PRO C 108 -17.10 -9.80 39.49
C PRO C 108 -15.88 -10.72 39.64
N ARG C 109 -15.93 -11.89 39.02
CA ARG C 109 -14.82 -12.85 39.14
C ARG C 109 -13.76 -12.61 38.09
N LEU C 110 -12.70 -11.90 38.49
CA LEU C 110 -11.61 -11.53 37.61
C LEU C 110 -10.26 -11.85 38.26
N ALA C 111 -9.18 -11.65 37.52
CA ALA C 111 -7.84 -12.00 38.00
C ALA C 111 -6.73 -11.18 37.34
N LEU C 112 -5.89 -10.51 38.15
CA LEU C 112 -4.70 -9.80 37.63
C LEU C 112 -3.51 -10.72 37.59
N CYS C 113 -3.04 -11.01 36.39
CA CYS C 113 -2.04 -12.02 36.19
C CYS C 113 -0.80 -11.34 35.67
N PHE C 114 0.34 -11.62 36.27
CA PHE C 114 1.58 -11.30 35.60
C PHE C 114 1.92 -12.46 34.67
N VAL C 115 1.90 -12.21 33.36
CA VAL C 115 2.10 -13.25 32.38
C VAL C 115 3.48 -13.08 31.77
N ASP C 116 4.20 -14.20 31.66
CA ASP C 116 5.58 -14.14 31.19
C ASP C 116 5.84 -15.48 30.54
N ILE C 117 5.40 -15.54 29.30
CA ILE C 117 5.51 -16.72 28.45
C ILE C 117 6.82 -17.46 28.67
N ARG C 118 7.94 -16.74 28.62
CA ARG C 118 9.26 -17.38 28.64
C ARG C 118 9.87 -17.50 30.03
N ARG C 119 9.39 -16.72 30.98
CA ARG C 119 9.78 -16.91 32.39
C ARG C 119 11.22 -16.45 32.61
N PHE C 120 11.59 -15.41 31.89
CA PHE C 120 12.84 -14.68 32.07
C PHE C 120 12.56 -13.48 32.95
N GLY C 121 11.30 -13.06 32.95
CA GLY C 121 10.83 -12.12 33.92
C GLY C 121 11.21 -12.61 35.29
N ARG C 122 11.56 -11.64 36.14
CA ARG C 122 11.97 -11.89 37.51
C ARG C 122 11.04 -11.03 38.37
N TRP C 123 11.00 -11.23 39.69
CA TRP C 123 10.32 -10.27 40.57
C TRP C 123 10.85 -10.39 42.01
N ASP C 124 10.92 -9.25 42.69
CA ASP C 124 11.59 -9.17 43.99
C ASP C 124 10.72 -8.68 45.13
N LEU C 125 11.07 -9.12 46.34
CA LEU C 125 10.35 -8.78 47.54
C LEU C 125 11.03 -7.58 48.20
N GLY C 126 10.27 -6.53 48.46
CA GLY C 126 10.83 -5.27 48.90
C GLY C 126 10.66 -4.32 47.75
N GLY C 127 10.30 -3.08 48.05
CA GLY C 127 9.89 -2.16 46.98
C GLY C 127 11.05 -1.45 46.34
N LYS C 128 12.12 -2.18 46.04
CA LYS C 128 13.40 -1.53 45.76
C LYS C 128 13.78 -1.55 44.29
N TRP C 129 14.12 -0.37 43.76
CA TRP C 129 14.71 -0.29 42.45
C TRP C 129 16.10 -0.95 42.50
N GLN C 130 16.43 -1.67 41.44
CA GLN C 130 17.79 -2.18 41.24
C GLN C 130 18.80 -1.06 41.55
N PRO C 131 19.56 -1.18 42.66
CA PRO C 131 20.57 -0.13 42.87
C PRO C 131 21.66 -0.28 41.82
N GLY C 132 22.20 0.83 41.34
CA GLY C 132 23.19 0.78 40.28
C GLY C 132 22.60 1.07 38.90
N ARG C 133 21.31 0.79 38.73
CA ARG C 133 20.61 1.22 37.53
C ARG C 133 20.41 2.72 37.59
N GLY C 134 20.69 3.37 36.46
CA GLY C 134 20.54 4.81 36.35
C GLY C 134 19.09 5.28 36.40
N PRO C 135 18.89 6.59 36.32
CA PRO C 135 17.58 7.25 36.24
C PRO C 135 16.73 6.82 35.06
N CYS C 136 15.41 6.84 35.26
CA CYS C 136 14.51 6.55 34.19
C CYS C 136 14.60 7.62 33.13
N VAL C 137 14.77 7.20 31.87
CA VAL C 137 14.81 8.14 30.73
C VAL C 137 13.50 8.87 30.45
N LEU C 138 12.38 8.19 30.67
CA LEU C 138 11.08 8.83 30.49
C LEU C 138 10.79 9.75 31.65
N GLN C 139 10.95 9.24 32.87
CA GLN C 139 10.41 9.88 34.04
C GLN C 139 11.38 10.87 34.57
N GLU C 140 12.59 10.40 34.86
CA GLU C 140 13.57 11.20 35.54
C GLU C 140 14.60 11.72 34.55
N TYR C 141 14.16 12.35 33.45
CA TYR C 141 15.09 12.72 32.39
C TYR C 141 16.31 13.57 32.81
N GLN C 142 16.11 14.72 33.45
CA GLN C 142 17.25 15.53 33.86
C GLN C 142 18.29 14.69 34.61
N GLN C 143 17.87 14.04 35.68
CA GLN C 143 18.78 13.24 36.51
C GLN C 143 19.54 12.22 35.64
N PHE C 144 18.82 11.64 34.67
CA PHE C 144 19.40 10.76 33.64
C PHE C 144 20.49 11.48 32.84
N ARG C 145 20.13 12.65 32.32
CA ARG C 145 21.06 13.41 31.50
C ARG C 145 22.32 13.64 32.31
N GLU C 146 22.11 14.27 33.46
CA GLU C 146 23.17 14.63 34.39
C GLU C 146 24.10 13.43 34.61
N ASN C 147 23.50 12.30 34.94
CA ASN C 147 24.26 11.09 35.28
C ASN C 147 25.20 10.62 34.17
N VAL C 148 24.73 10.67 32.92
CA VAL C 148 25.54 10.17 31.83
C VAL C 148 26.70 11.11 31.62
N LEU C 149 26.38 12.41 31.53
CA LEU C 149 27.38 13.43 31.16
C LEU C 149 28.50 13.62 32.19
N ARG C 150 28.17 13.48 33.46
CA ARG C 150 29.17 13.63 34.52
C ARG C 150 29.89 12.33 34.81
N ASN C 151 29.80 11.35 33.92
CA ASN C 151 30.45 10.07 34.13
C ASN C 151 31.08 9.50 32.89
N LEU C 152 31.36 10.36 31.92
CA LEU C 152 31.90 9.90 30.64
C LEU C 152 33.29 9.26 30.78
N ALA C 153 33.99 9.58 31.87
CA ALA C 153 35.26 8.94 32.24
C ALA C 153 35.13 7.41 32.38
N ASP C 154 33.97 6.94 32.84
CA ASP C 154 33.71 5.52 33.02
C ASP C 154 34.02 4.72 31.76
N LYS C 155 34.70 3.59 31.88
CA LYS C 155 35.06 2.80 30.70
C LYS C 155 33.87 2.02 30.11
N ALA C 156 32.67 2.21 30.67
CA ALA C 156 31.45 1.78 29.99
C ALA C 156 31.22 2.59 28.70
N PHE C 157 31.84 3.77 28.64
CA PHE C 157 31.78 4.62 27.46
C PHE C 157 32.93 4.37 26.47
N ASP C 158 33.86 3.48 26.85
CA ASP C 158 34.82 2.91 25.90
C ASP C 158 34.12 2.15 24.78
N ARG C 159 32.93 1.60 25.08
CA ARG C 159 32.28 0.60 24.22
C ARG C 159 31.61 1.26 22.97
N PRO C 160 31.02 0.45 22.05
CA PRO C 160 30.27 1.11 20.99
C PRO C 160 28.93 1.63 21.48
N ILE C 161 28.51 2.75 20.91
CA ILE C 161 27.37 3.45 21.42
C ILE C 161 26.15 2.54 21.50
N CYS C 162 25.99 1.65 20.54
CA CYS C 162 24.82 0.78 20.53
C CYS C 162 24.85 -0.24 21.67
N GLU C 163 26.04 -0.56 22.15
CA GLU C 163 26.16 -1.42 23.35
C GLU C 163 25.97 -0.58 24.62
N ALA C 164 26.61 0.59 24.65
CA ALA C 164 26.44 1.53 25.77
C ALA C 164 24.96 1.81 26.05
N LEU C 165 24.23 2.13 25.00
CA LEU C 165 22.82 2.46 25.13
C LEU C 165 21.97 1.41 25.81
N LEU C 166 22.46 0.17 25.86
CA LEU C 166 21.80 -0.89 26.60
C LEU C 166 22.35 -1.05 28.01
N ASP C 167 23.50 -0.43 28.30
CA ASP C 167 24.06 -0.42 29.66
C ASP C 167 23.10 0.26 30.61
N GLN C 168 22.27 -0.55 31.25
CA GLN C 168 21.22 -0.06 32.12
C GLN C 168 21.69 0.75 33.32
N ARG C 169 23.00 0.85 33.54
CA ARG C 169 23.52 1.72 34.59
C ARG C 169 23.41 3.20 34.20
N PHE C 170 23.29 3.47 32.90
CA PHE C 170 23.15 4.83 32.43
C PHE C 170 21.89 5.12 31.61
N PHE C 171 21.41 4.16 30.83
CA PHE C 171 20.22 4.34 30.00
C PHE C 171 19.08 3.44 30.44
N ASN C 172 18.75 3.51 31.73
CA ASN C 172 17.74 2.63 32.29
C ASN C 172 16.43 2.81 31.55
N GLY C 173 15.97 1.75 30.90
CA GLY C 173 14.72 1.80 30.15
C GLY C 173 14.93 1.53 28.69
N ILE C 174 16.16 1.74 28.22
CA ILE C 174 16.48 1.57 26.82
C ILE C 174 16.70 0.09 26.50
N GLY C 175 15.87 -0.41 25.57
CA GLY C 175 15.93 -1.78 25.10
C GLY C 175 16.43 -1.83 23.69
N ASN C 176 16.30 -3.00 23.09
CA ASN C 176 16.93 -3.30 21.81
C ASN C 176 16.30 -2.57 20.63
N TYR C 177 14.98 -2.41 20.63
CA TYR C 177 14.36 -1.64 19.56
C TYR C 177 14.70 -0.15 19.77
N LEU C 178 14.60 0.33 20.99
CA LEU C 178 14.81 1.76 21.24
C LEU C 178 16.16 2.25 20.84
N ARG C 179 17.18 1.43 21.03
CA ARG C 179 18.52 1.87 20.71
C ARG C 179 18.55 2.15 19.22
N ALA C 180 18.10 1.19 18.44
CA ALA C 180 18.10 1.33 17.00
C ALA C 180 17.34 2.58 16.59
N GLU C 181 16.15 2.76 17.15
CA GLU C 181 15.28 3.87 16.72
C GLU C 181 15.90 5.21 17.02
N ILE C 182 16.68 5.29 18.12
CA ILE C 182 17.29 6.54 18.51
C ILE C 182 18.46 6.85 17.61
N LEU C 183 19.30 5.86 17.39
CA LEU C 183 20.49 6.07 16.58
C LEU C 183 20.12 6.44 15.17
N TYR C 184 19.19 5.67 14.65
CA TYR C 184 18.60 5.90 13.33
C TYR C 184 18.20 7.36 13.09
N ARG C 185 17.67 8.03 14.13
CA ARG C 185 17.25 9.45 14.06
C ARG C 185 18.41 10.44 14.00
N LEU C 186 19.62 10.05 14.35
CA LEU C 186 20.74 10.94 14.15
C LEU C 186 21.77 10.34 13.21
N LYS C 187 21.34 9.25 12.60
CA LYS C 187 22.18 8.58 11.67
C LYS C 187 23.53 8.82 12.27
N ILE C 188 23.73 8.21 13.43
CA ILE C 188 25.02 8.09 14.05
C ILE C 188 25.47 6.66 13.79
N PRO C 189 26.75 6.49 13.42
CA PRO C 189 27.26 5.13 13.33
C PRO C 189 27.03 4.37 14.65
N PRO C 190 26.31 3.24 14.62
CA PRO C 190 26.03 2.45 15.84
C PRO C 190 27.26 1.79 16.48
N PHE C 191 28.36 1.73 15.74
CA PHE C 191 29.64 1.28 16.30
C PHE C 191 30.67 2.41 16.35
N GLU C 192 30.18 3.64 16.34
CA GLU C 192 30.96 4.76 16.85
C GLU C 192 31.13 4.43 18.31
N LYS C 193 32.24 4.88 18.87
CA LYS C 193 32.49 4.80 20.30
C LYS C 193 31.58 5.81 21.02
N ALA C 194 30.84 5.33 22.01
CA ALA C 194 29.96 6.20 22.81
C ALA C 194 30.63 7.49 23.26
N ARG C 195 31.81 7.41 23.88
CA ARG C 195 32.50 8.61 24.36
C ARG C 195 32.59 9.66 23.25
N SER C 196 33.19 9.27 22.12
CA SER C 196 33.34 10.19 20.99
C SER C 196 32.07 10.99 20.76
N VAL C 197 30.93 10.44 21.17
CA VAL C 197 29.65 11.12 21.01
C VAL C 197 29.35 12.03 22.19
N LEU C 198 28.83 11.44 23.27
CA LEU C 198 28.49 12.21 24.47
C LEU C 198 29.64 13.14 24.86
N GLU C 199 30.82 12.88 24.33
CA GLU C 199 31.99 13.69 24.62
C GLU C 199 31.77 15.15 24.23
N ALA C 200 30.54 15.47 23.82
CA ALA C 200 30.19 16.82 23.42
C ALA C 200 28.72 17.11 23.67
N LEU C 201 28.26 16.80 24.88
CA LEU C 201 26.86 17.02 25.24
C LEU C 201 26.74 18.13 26.28
N GLN C 202 25.55 18.72 26.37
CA GLN C 202 25.30 19.78 27.33
C GLN C 202 26.44 20.81 27.33
N LYS C 219 19.85 28.64 17.34
CA LYS C 219 21.04 27.84 17.57
C LYS C 219 20.76 26.35 17.23
N LEU C 220 21.59 25.46 17.77
CA LEU C 220 21.47 24.04 17.49
C LEU C 220 20.29 23.45 18.23
N GLN C 221 19.08 23.85 17.85
CA GLN C 221 17.89 23.38 18.51
C GLN C 221 17.59 21.92 18.27
N ASN C 222 17.98 21.38 17.13
CA ASN C 222 17.84 19.94 16.88
C ASN C 222 18.19 19.16 18.13
N PRO C 223 17.47 18.07 18.40
CA PRO C 223 17.70 17.33 19.64
C PRO C 223 18.97 16.50 19.57
N ASP C 224 19.70 16.46 20.68
CA ASP C 224 20.94 15.71 20.78
C ASP C 224 20.64 14.29 21.18
N LEU C 225 21.68 13.47 21.26
CA LEU C 225 21.47 12.05 21.50
C LEU C 225 20.66 11.74 22.77
N LEU C 226 20.86 12.52 23.81
CA LEU C 226 20.18 12.24 25.06
C LEU C 226 18.73 12.72 25.07
N GLU C 227 18.43 13.81 24.39
CA GLU C 227 17.02 14.23 24.32
C GLU C 227 16.19 13.14 23.65
N LEU C 228 16.80 12.46 22.68
CA LEU C 228 16.13 11.38 21.97
C LEU C 228 15.94 10.15 22.87
N CYS C 229 16.87 10.02 23.82
CA CYS C 229 16.73 8.99 24.83
C CYS C 229 15.47 9.15 25.67
N HIS C 230 15.02 10.37 25.89
CA HIS C 230 13.69 10.59 26.45
C HIS C 230 12.65 10.55 25.34
N SER C 231 12.79 11.45 24.39
CA SER C 231 11.65 11.77 23.59
C SER C 231 11.21 10.59 22.76
N VAL C 232 12.14 9.77 22.28
CA VAL C 232 11.73 8.67 21.43
C VAL C 232 10.84 7.69 22.19
N PRO C 233 11.36 7.11 23.26
CA PRO C 233 10.46 6.21 23.94
C PRO C 233 9.10 6.85 24.29
N LYS C 234 9.11 8.12 24.64
CA LYS C 234 7.86 8.81 24.98
C LYS C 234 6.85 8.72 23.84
N GLU C 235 7.35 8.64 22.61
CA GLU C 235 6.50 8.54 21.42
C GLU C 235 5.74 7.24 21.51
N VAL C 236 6.39 6.21 22.06
CA VAL C 236 5.76 4.89 22.16
C VAL C 236 4.63 4.88 23.19
N VAL C 237 4.93 5.36 24.40
CA VAL C 237 3.88 5.63 25.40
C VAL C 237 2.62 6.24 24.75
N GLN C 238 2.84 7.24 23.90
CA GLN C 238 1.77 7.95 23.22
C GLN C 238 0.92 7.09 22.28
N LEU C 239 1.29 5.82 22.13
CA LEU C 239 0.37 4.77 21.70
C LEU C 239 0.47 3.62 22.70
N ASP C 252 -2.36 -0.91 19.99
CA ASP C 252 -2.51 -2.21 19.35
C ASP C 252 -1.15 -2.69 18.84
N PHE C 253 -0.97 -4.00 18.76
CA PHE C 253 0.06 -4.64 17.94
C PHE C 253 0.27 -3.94 16.57
N ALA C 254 -0.83 -3.51 15.95
CA ALA C 254 -0.81 -2.83 14.65
C ALA C 254 0.08 -1.57 14.57
N ALA C 255 -0.29 -0.56 15.36
CA ALA C 255 0.36 0.74 15.36
C ALA C 255 1.87 0.64 15.54
N PHE C 256 2.27 0.03 16.65
CA PHE C 256 3.68 -0.14 16.96
C PHE C 256 4.48 -0.50 15.72
N ARG C 257 4.14 -1.63 15.12
CA ARG C 257 4.90 -2.14 13.98
C ARG C 257 5.12 -1.05 12.91
N ALA C 258 4.07 -0.26 12.65
CA ALA C 258 4.13 0.89 11.74
C ALA C 258 4.86 2.13 12.30
N TRP C 259 4.99 2.21 13.63
CA TRP C 259 5.73 3.32 14.27
C TRP C 259 7.24 3.14 14.18
N LEU C 260 7.71 1.91 14.27
CA LEU C 260 9.13 1.65 14.15
C LEU C 260 9.48 2.28 12.86
N ARG C 261 10.68 2.88 12.78
CA ARG C 261 11.14 3.53 11.57
C ARG C 261 12.42 2.88 11.04
N CYS C 262 12.76 1.73 11.62
CA CYS C 262 13.97 1.02 11.22
C CYS C 262 13.94 -0.43 11.70
N TYR C 263 13.99 -0.62 13.02
CA TYR C 263 13.96 -1.94 13.61
C TYR C 263 12.88 -2.81 12.97
N GLY C 264 13.25 -4.04 12.62
CA GLY C 264 12.32 -4.97 12.00
C GLY C 264 11.64 -4.37 10.78
N MET C 265 12.45 -3.85 9.86
CA MET C 265 11.94 -3.25 8.64
C MET C 265 12.78 -3.64 7.43
N PRO C 266 12.24 -3.44 6.24
CA PRO C 266 12.94 -3.78 4.99
C PRO C 266 14.07 -2.79 4.63
N GLY C 267 15.04 -3.24 3.85
CA GLY C 267 16.14 -2.39 3.40
C GLY C 267 17.09 -1.95 4.50
N MET C 268 16.94 -2.51 5.71
CA MET C 268 17.79 -2.13 6.86
C MET C 268 18.90 -3.16 7.09
N SER C 269 19.86 -2.80 7.95
CA SER C 269 21.01 -3.64 8.23
C SER C 269 20.86 -4.48 9.53
N SER C 270 21.16 -5.78 9.44
CA SER C 270 21.21 -6.68 10.60
C SER C 270 22.67 -6.87 11.00
N LEU C 271 22.97 -6.78 12.29
CA LEU C 271 24.31 -7.06 12.82
C LEU C 271 24.24 -7.51 14.30
N GLN C 272 25.24 -8.29 14.73
CA GLN C 272 25.33 -8.82 16.11
C GLN C 272 26.27 -7.98 17.02
N ASP C 273 25.77 -7.45 18.14
CA ASP C 273 26.66 -6.83 19.15
C ASP C 273 27.49 -7.90 19.90
N ARG C 274 28.49 -7.46 20.67
CA ARG C 274 29.34 -8.40 21.45
C ARG C 274 28.52 -9.31 22.41
N HIS C 275 27.32 -8.87 22.81
CA HIS C 275 26.45 -9.68 23.67
C HIS C 275 25.60 -10.65 22.87
N GLY C 276 25.90 -10.77 21.58
CA GLY C 276 25.25 -11.75 20.73
C GLY C 276 23.80 -11.41 20.45
N ARG C 277 23.53 -10.16 20.06
CA ARG C 277 22.19 -9.79 19.62
C ARG C 277 22.07 -8.52 18.74
N THR C 278 20.91 -8.41 18.10
CA THR C 278 20.75 -7.64 16.87
C THR C 278 20.71 -6.11 17.04
N ILE C 279 21.27 -5.38 16.07
CA ILE C 279 21.09 -3.91 15.91
C ILE C 279 20.68 -3.57 14.47
N TRP C 280 19.82 -2.56 14.33
CA TRP C 280 19.36 -2.12 13.02
C TRP C 280 19.62 -0.63 12.81
N PHE C 281 20.47 -0.36 11.82
CA PHE C 281 20.92 0.97 11.53
C PHE C 281 20.93 1.32 10.03
N GLN C 282 21.64 2.41 9.71
CA GLN C 282 21.66 2.97 8.37
C GLN C 282 22.39 2.09 7.35
N ASP C 284 26.20 2.47 7.35
CA ASP C 284 27.48 2.71 7.94
C ASP C 284 27.21 2.27 9.34
N PRO C 285 28.11 1.33 9.85
CA PRO C 285 27.82 0.94 11.23
C PRO C 285 28.80 1.55 12.23
N GLY C 286 29.94 2.04 11.75
CA GLY C 286 30.93 2.62 12.63
C GLY C 286 32.20 1.80 12.79
N PRO C 287 33.26 2.45 13.24
CA PRO C 287 34.55 1.79 13.42
C PRO C 287 34.68 0.80 14.58
N LEU C 288 33.73 -0.12 14.78
CA LEU C 288 33.86 -1.13 15.85
C LEU C 288 33.06 -2.42 15.63
N ALA C 289 32.90 -2.87 14.39
CA ALA C 289 32.15 -4.11 14.14
C ALA C 289 33.09 -5.32 13.92
N PRO C 290 33.15 -6.26 14.90
CA PRO C 290 34.06 -7.41 14.72
C PRO C 290 33.55 -8.44 13.70
#